data_8FN5
#
_entry.id   8FN5
#
_cell.length_a   60.625
_cell.length_b   126.765
_cell.length_c   173.356
_cell.angle_alpha   90.000
_cell.angle_beta   90.000
_cell.angle_gamma   90.000
#
_symmetry.space_group_name_H-M   'P 21 21 21'
#
loop_
_entity.id
_entity.type
_entity.pdbx_description
1 polymer Glucosyltransferase-S
2 water water
#
_entity_poly.entity_id   1
_entity_poly.type   'polypeptide(L)'
_entity_poly.pdbx_seq_one_letter_code
;ANDIDNSNPVVQAEQLNWLHYLMNYGSIVANDPEANFDGVRVDAVDNVNADLLQIASDYLKAHYGVDKSEKNAINHLSIL
EAWSDNDPQYNKDTKGAQLPIDNKLRLSLLYALTRPLEKDASNKNEIRSGLEPVITNSLNNRSAEGKNSERMANYIFIRA
HDSEVQTVIAKIIKAQINPKTDGLTFTLDELKQAFKIYNEDMRQAKKKYTQSNIPTAYALMLSNKDSITRLYYGDMYSDD
GQYMATKSPYYDAIDTLLKARIKYAAGGQDMKITYVEGDKSHMDWDYTGVLTSVRYGTGANEATDQGSEATKTQGMAVIT
SNNPSLKLNQNDKVIVNMGTAHKNQEYRPLLLTTKDGLTSYTSDAAAKSLYRKTNDKGELVFDASDIQGYLNPQVSGYLA
VWVPVGASDNQDVRVAASNKANATGQVYESSSALDSQLIYEGFSNFQDFVTKDSDYTNKKIAQNVQLFKSWGVTSFEMAP
QYVSSEDGSFLDSIIQNGYAFEDRYDLAMSKNNKYGSQQDMINAVKALHKSGIQVIADWVPDQIYNLPGKEVVTATRVND
YGEYRKDSEIKNTLYAANTKSNGKDYQAKYGGAFLSELAAKYPSIFNRTQISNGKKIDPSEKITAWKAKYFN
;
_entity_poly.pdbx_strand_id   A,B
#
# COMPACT_ATOMS: atom_id res chain seq x y z
N ALA A 1 26.77 28.22 16.79
CA ALA A 1 26.60 28.35 15.31
C ALA A 1 27.74 29.18 14.72
N ASN A 2 28.64 28.56 13.95
CA ASN A 2 29.80 29.21 13.29
C ASN A 2 29.62 29.17 11.76
N ASP A 3 29.69 30.33 11.09
CA ASP A 3 29.71 30.43 9.61
C ASP A 3 31.10 30.03 9.12
N ILE A 4 31.19 28.95 8.33
CA ILE A 4 32.47 28.44 7.74
C ILE A 4 32.94 29.43 6.67
N ASP A 5 34.24 29.71 6.61
CA ASP A 5 34.86 30.63 5.61
C ASP A 5 35.17 29.84 4.33
N ASN A 6 34.23 29.87 3.38
CA ASN A 6 34.31 29.10 2.11
C ASN A 6 35.03 29.95 1.04
N SER A 7 35.62 31.08 1.41
CA SER A 7 36.51 31.88 0.52
C SER A 7 37.94 31.35 0.63
N ASN A 8 38.25 30.58 1.68
CA ASN A 8 39.58 29.99 1.96
C ASN A 8 39.77 28.75 1.10
N PRO A 9 40.79 28.69 0.22
CA PRO A 9 40.97 27.54 -0.67
C PRO A 9 41.21 26.20 0.03
N VAL A 10 41.73 26.20 1.27
CA VAL A 10 41.94 24.95 2.06
C VAL A 10 40.57 24.45 2.52
N VAL A 11 39.66 25.36 2.91
CA VAL A 11 38.27 25.03 3.33
C VAL A 11 37.54 24.45 2.11
N GLN A 12 37.71 25.06 0.93
CA GLN A 12 37.08 24.61 -0.34
C GLN A 12 37.50 23.17 -0.64
N ALA A 13 38.78 22.82 -0.39
CA ALA A 13 39.34 21.47 -0.57
C ALA A 13 38.66 20.51 0.39
N GLU A 14 38.45 20.95 1.64
CA GLU A 14 37.81 20.15 2.71
C GLU A 14 36.34 19.90 2.34
N GLN A 15 35.64 20.91 1.78
CA GLN A 15 34.21 20.79 1.36
C GLN A 15 34.08 19.75 0.23
N LEU A 16 35.05 19.70 -0.70
CA LEU A 16 35.14 18.66 -1.75
C LEU A 16 35.36 17.29 -1.08
N ASN A 17 36.27 17.23 -0.10
CA ASN A 17 36.61 15.97 0.62
C ASN A 17 35.35 15.40 1.26
N TRP A 18 34.52 16.28 1.85
CA TRP A 18 33.27 15.93 2.55
C TRP A 18 32.24 15.42 1.52
N LEU A 19 32.09 16.11 0.38
CA LEU A 19 31.15 15.71 -0.70
C LEU A 19 31.47 14.27 -1.15
N HIS A 20 32.75 13.96 -1.36
CA HIS A 20 33.24 12.61 -1.78
C HIS A 20 32.84 11.58 -0.72
N TYR A 21 33.05 11.89 0.56
CA TYR A 21 32.68 11.04 1.73
C TYR A 21 31.18 10.71 1.69
N LEU A 22 30.33 11.72 1.51
CA LEU A 22 28.83 11.55 1.51
C LEU A 22 28.39 10.63 0.37
N MET A 23 28.95 10.79 -0.83
CA MET A 23 28.49 10.08 -2.05
C MET A 23 29.09 8.68 -2.12
N ASN A 24 30.18 8.42 -1.38
CA ASN A 24 30.87 7.10 -1.34
C ASN A 24 30.88 6.59 0.10
N TYR A 25 29.88 6.98 0.90
CA TYR A 25 29.78 6.65 2.35
C TYR A 25 29.84 5.12 2.56
N GLY A 26 29.11 4.37 1.74
CA GLY A 26 29.03 2.90 1.80
C GLY A 26 30.39 2.25 1.62
N SER A 27 31.07 2.55 0.50
CA SER A 27 32.41 2.03 0.14
C SER A 27 33.44 2.35 1.23
N ILE A 28 33.40 3.57 1.78
CA ILE A 28 34.46 4.11 2.67
C ILE A 28 34.28 3.56 4.09
N VAL A 29 33.06 3.62 4.63
CA VAL A 29 32.77 3.34 6.07
C VAL A 29 32.34 1.87 6.24
N ALA A 30 31.44 1.37 5.40
CA ALA A 30 30.79 0.04 5.55
C ALA A 30 31.46 -1.01 4.65
N ASN A 31 32.32 -0.59 3.73
CA ASN A 31 32.95 -1.47 2.70
C ASN A 31 31.83 -2.17 1.90
N ASP A 32 30.85 -1.38 1.44
CA ASP A 32 29.58 -1.86 0.83
C ASP A 32 29.12 -0.82 -0.20
N PRO A 33 29.40 -1.03 -1.50
CA PRO A 33 29.05 -0.03 -2.52
C PRO A 33 27.54 0.14 -2.77
N GLU A 34 26.71 -0.72 -2.18
CA GLU A 34 25.22 -0.66 -2.31
C GLU A 34 24.66 0.36 -1.31
N ALA A 35 25.48 0.86 -0.37
CA ALA A 35 25.07 1.87 0.66
C ALA A 35 25.63 3.27 0.32
N ASN A 36 25.97 3.52 -0.95
CA ASN A 36 26.46 4.84 -1.43
C ASN A 36 25.24 5.70 -1.83
N PHE A 37 25.37 7.02 -1.78
CA PHE A 37 24.33 7.98 -2.23
C PHE A 37 24.61 8.29 -3.71
N ASP A 38 23.56 8.47 -4.50
CA ASP A 38 23.65 8.59 -5.98
C ASP A 38 23.69 10.07 -6.38
N GLY A 39 22.93 10.91 -5.68
CA GLY A 39 22.79 12.34 -5.98
C GLY A 39 23.06 13.18 -4.76
N VAL A 40 23.08 14.50 -4.94
CA VAL A 40 23.34 15.46 -3.83
C VAL A 40 22.32 16.60 -3.92
N ARG A 41 21.83 17.05 -2.75
CA ARG A 41 21.13 18.34 -2.56
C ARG A 41 22.17 19.36 -2.10
N VAL A 42 22.48 20.34 -2.95
CA VAL A 42 23.46 21.42 -2.66
C VAL A 42 22.72 22.57 -1.98
N ASP A 43 23.12 22.91 -0.74
CA ASP A 43 22.54 24.04 0.03
C ASP A 43 23.66 24.99 0.44
N ALA A 44 24.03 25.93 -0.44
CA ALA A 44 25.14 26.89 -0.29
C ALA A 44 24.68 28.12 0.54
N VAL A 45 23.37 28.33 0.64
CA VAL A 45 22.70 29.36 1.50
C VAL A 45 23.04 30.78 1.00
N ASP A 46 24.32 31.18 1.05
CA ASP A 46 24.80 32.57 0.84
C ASP A 46 25.53 32.71 -0.49
N ASN A 47 25.47 33.90 -1.10
CA ASN A 47 26.19 34.24 -2.35
C ASN A 47 27.70 34.09 -2.17
N VAL A 48 28.22 34.32 -0.96
CA VAL A 48 29.69 34.21 -0.65
C VAL A 48 30.17 32.77 -0.85
N ASN A 49 29.26 31.79 -0.94
CA ASN A 49 29.59 30.34 -1.06
C ASN A 49 29.44 29.85 -2.51
N ALA A 50 29.32 30.76 -3.49
CA ALA A 50 29.07 30.47 -4.93
C ALA A 50 30.03 29.42 -5.48
N ASP A 51 31.32 29.50 -5.12
CA ASP A 51 32.41 28.64 -5.65
C ASP A 51 32.09 27.15 -5.40
N LEU A 52 31.40 26.83 -4.30
CA LEU A 52 31.07 25.43 -3.92
C LEU A 52 30.16 24.77 -4.97
N LEU A 53 29.32 25.54 -5.67
CA LEU A 53 28.44 25.02 -6.76
C LEU A 53 29.29 24.49 -7.92
N GLN A 54 30.38 25.19 -8.29
CA GLN A 54 31.28 24.77 -9.39
C GLN A 54 32.12 23.58 -8.93
N ILE A 55 32.59 23.57 -7.67
CA ILE A 55 33.39 22.45 -7.09
C ILE A 55 32.53 21.17 -7.09
N ALA A 56 31.29 21.26 -6.58
CA ALA A 56 30.30 20.15 -6.56
C ALA A 56 30.07 19.67 -8.00
N SER A 57 29.79 20.60 -8.92
CA SER A 57 29.48 20.30 -10.35
C SER A 57 30.70 19.63 -11.02
N ASP A 58 31.91 20.09 -10.72
CA ASP A 58 33.16 19.50 -11.27
C ASP A 58 33.33 18.06 -10.74
N TYR A 59 33.03 17.82 -9.46
CA TYR A 59 33.12 16.46 -8.86
C TYR A 59 32.12 15.50 -9.54
N LEU A 60 30.87 15.94 -9.72
CA LEU A 60 29.80 15.09 -10.34
C LEU A 60 30.19 14.76 -11.78
N LYS A 61 30.77 15.71 -12.53
CA LYS A 61 31.24 15.49 -13.91
C LYS A 61 32.40 14.48 -13.94
N ALA A 62 33.42 14.63 -13.10
CA ALA A 62 34.66 13.83 -13.11
C ALA A 62 34.41 12.41 -12.58
N HIS A 63 33.64 12.28 -11.49
CA HIS A 63 33.41 11.01 -10.77
C HIS A 63 32.32 10.17 -11.46
N TYR A 64 31.27 10.80 -11.99
CA TYR A 64 30.05 10.12 -12.51
C TYR A 64 29.81 10.39 -14.01
N GLY A 65 30.58 11.30 -14.62
CA GLY A 65 30.45 11.65 -16.06
C GLY A 65 29.06 12.15 -16.41
N VAL A 66 28.43 12.95 -15.54
CA VAL A 66 27.02 13.42 -15.71
C VAL A 66 26.92 14.31 -16.95
N ASP A 67 28.03 14.90 -17.42
CA ASP A 67 28.05 15.79 -18.62
C ASP A 67 28.15 14.97 -19.92
N LYS A 68 28.44 13.66 -19.84
CA LYS A 68 28.82 12.82 -21.00
C LYS A 68 27.59 12.11 -21.61
N SER A 69 26.51 11.94 -20.83
CA SER A 69 25.23 11.38 -21.33
C SER A 69 24.06 11.79 -20.41
N GLU A 70 22.86 11.89 -20.98
CA GLU A 70 21.59 12.03 -20.21
C GLU A 70 21.51 10.91 -19.16
N LYS A 71 21.82 9.67 -19.56
CA LYS A 71 21.81 8.47 -18.67
C LYS A 71 22.63 8.72 -17.40
N ASN A 72 23.88 9.20 -17.53
CA ASN A 72 24.76 9.46 -16.35
C ASN A 72 24.12 10.56 -15.47
N ALA A 73 23.55 11.60 -16.08
CA ALA A 73 22.94 12.75 -15.38
C ALA A 73 21.69 12.30 -14.61
N ILE A 74 20.82 11.52 -15.25
CA ILE A 74 19.55 11.02 -14.64
C ILE A 74 19.88 9.99 -13.54
N ASN A 75 20.92 9.17 -13.72
CA ASN A 75 21.32 8.12 -12.74
C ASN A 75 21.97 8.74 -11.49
N HIS A 76 22.31 10.03 -11.51
CA HIS A 76 22.87 10.74 -10.33
C HIS A 76 22.12 12.07 -10.14
N LEU A 77 20.79 11.99 -10.06
CA LEU A 77 19.91 13.19 -10.02
C LEU A 77 20.28 14.06 -8.81
N SER A 78 20.69 15.30 -9.07
CA SER A 78 21.17 16.28 -8.07
C SER A 78 20.35 17.57 -8.17
N ILE A 79 20.15 18.27 -7.05
CA ILE A 79 19.23 19.45 -6.99
C ILE A 79 19.92 20.59 -6.25
N LEU A 80 19.50 21.81 -6.53
CA LEU A 80 20.01 23.05 -5.90
C LEU A 80 18.90 23.63 -5.02
N GLU A 81 19.16 23.79 -3.73
CA GLU A 81 18.26 24.55 -2.81
C GLU A 81 18.20 26.01 -3.29
N ALA A 82 17.03 26.66 -3.21
CA ALA A 82 16.80 28.06 -3.60
C ALA A 82 17.98 28.89 -3.07
N TRP A 83 18.64 29.66 -3.94
CA TRP A 83 19.95 30.29 -3.64
C TRP A 83 19.98 31.75 -4.11
N SER A 84 19.94 31.98 -5.42
CA SER A 84 19.92 33.33 -6.05
C SER A 84 18.49 33.63 -6.53
N ASP A 85 18.27 34.83 -7.09
CA ASP A 85 16.99 35.26 -7.69
C ASP A 85 16.82 34.64 -9.08
N ASN A 86 17.84 33.99 -9.64
CA ASN A 86 17.75 33.30 -10.96
C ASN A 86 18.70 32.09 -11.01
N ASP A 87 18.34 31.03 -10.27
CA ASP A 87 19.14 29.78 -10.18
C ASP A 87 19.21 29.09 -11.54
N PRO A 88 18.12 29.05 -12.34
CA PRO A 88 18.18 28.40 -13.66
C PRO A 88 19.23 29.03 -14.58
N GLN A 89 19.23 30.36 -14.70
CA GLN A 89 20.18 31.08 -15.60
C GLN A 89 21.60 30.98 -15.04
N TYR A 90 21.78 31.06 -13.71
CA TYR A 90 23.10 30.96 -13.05
C TYR A 90 23.69 29.57 -13.32
N ASN A 91 22.86 28.52 -13.17
CA ASN A 91 23.31 27.12 -13.36
C ASN A 91 23.70 26.93 -14.84
N LYS A 92 22.95 27.53 -15.76
CA LYS A 92 23.22 27.46 -17.23
C LYS A 92 24.52 28.23 -17.58
N ASP A 93 24.66 29.47 -17.11
CA ASP A 93 25.82 30.36 -17.40
C ASP A 93 27.12 29.71 -16.92
N THR A 94 27.16 29.28 -15.66
CA THR A 94 28.17 28.30 -15.15
C THR A 94 27.76 26.99 -15.83
N LYS A 95 28.57 25.96 -15.88
CA LYS A 95 28.13 24.74 -16.62
C LYS A 95 27.64 23.71 -15.59
N GLY A 96 26.75 24.13 -14.68
CA GLY A 96 26.46 23.45 -13.41
C GLY A 96 25.70 22.14 -13.61
N ALA A 97 25.75 21.26 -12.60
CA ALA A 97 25.24 19.88 -12.66
C ALA A 97 24.14 19.65 -11.62
N GLN A 98 23.28 20.64 -11.36
CA GLN A 98 22.11 20.48 -10.45
C GLN A 98 20.85 21.07 -11.09
N LEU A 99 19.70 20.45 -10.81
CA LEU A 99 18.36 20.96 -11.19
C LEU A 99 18.04 22.18 -10.34
N PRO A 100 17.67 23.32 -10.95
CA PRO A 100 17.16 24.47 -10.21
C PRO A 100 15.67 24.33 -9.88
N ILE A 101 15.20 25.05 -8.87
CA ILE A 101 13.76 25.19 -8.53
C ILE A 101 13.10 26.09 -9.59
N ASP A 102 11.88 25.77 -10.00
CA ASP A 102 11.01 26.68 -10.80
C ASP A 102 10.24 27.54 -9.78
N ASN A 103 10.91 28.56 -9.24
CA ASN A 103 10.40 29.37 -8.11
C ASN A 103 9.20 30.20 -8.57
N LYS A 104 9.20 30.67 -9.82
CA LYS A 104 8.10 31.49 -10.37
C LYS A 104 6.79 30.67 -10.34
N LEU A 105 6.82 29.41 -10.77
CA LEU A 105 5.60 28.57 -10.81
C LEU A 105 5.19 28.20 -9.39
N ARG A 106 6.15 27.92 -8.50
CA ARG A 106 5.88 27.60 -7.07
C ARG A 106 5.00 28.72 -6.48
N LEU A 107 5.39 29.98 -6.68
CA LEU A 107 4.66 31.17 -6.14
C LEU A 107 3.32 31.34 -6.88
N SER A 108 3.28 31.14 -8.20
CA SER A 108 2.04 31.17 -9.01
C SER A 108 1.01 30.16 -8.46
N LEU A 109 1.45 28.93 -8.17
CA LEU A 109 0.57 27.86 -7.61
C LEU A 109 0.09 28.27 -6.20
N LEU A 110 1.01 28.71 -5.33
CA LEU A 110 0.63 29.07 -3.93
C LEU A 110 -0.45 30.17 -3.96
N TYR A 111 -0.27 31.21 -4.77
CA TYR A 111 -1.14 32.42 -4.74
C TYR A 111 -2.42 32.21 -5.55
N ALA A 112 -2.44 31.31 -6.54
CA ALA A 112 -3.66 31.00 -7.33
C ALA A 112 -4.54 29.98 -6.60
N LEU A 113 -3.95 29.08 -5.79
CA LEU A 113 -4.68 27.90 -5.25
C LEU A 113 -4.82 27.94 -3.72
N THR A 114 -3.78 28.28 -2.96
CA THR A 114 -3.68 27.95 -1.51
C THR A 114 -4.12 29.12 -0.60
N ARG A 115 -3.99 30.36 -1.06
CA ARG A 115 -4.27 31.58 -0.24
C ARG A 115 -5.78 31.77 -0.11
N PRO A 116 -6.25 32.46 0.95
CA PRO A 116 -7.68 32.73 1.13
C PRO A 116 -8.22 33.77 0.15
N LEU A 117 -9.54 33.77 -0.06
CA LEU A 117 -10.27 34.84 -0.79
C LEU A 117 -10.13 36.15 0.00
N GLU A 118 -10.45 37.30 -0.61
CA GLU A 118 -10.21 38.64 -0.01
C GLU A 118 -10.80 38.71 1.41
N LYS A 119 -12.08 38.45 1.56
CA LYS A 119 -12.75 38.60 2.87
C LYS A 119 -11.92 37.98 4.00
N ASP A 120 -11.58 36.70 3.91
CA ASP A 120 -10.89 36.07 5.07
C ASP A 120 -9.40 36.12 4.79
N ALA A 121 -8.73 37.22 5.12
CA ALA A 121 -7.33 37.32 4.65
C ALA A 121 -6.50 38.25 5.54
N SER A 122 -5.17 38.13 5.44
CA SER A 122 -4.14 38.84 6.23
C SER A 122 -3.93 40.26 5.68
N ASN A 123 -3.83 40.41 4.35
CA ASN A 123 -3.46 41.66 3.64
C ASN A 123 -3.72 41.48 2.14
N LYS A 124 -3.50 42.53 1.33
CA LYS A 124 -3.78 42.58 -0.13
C LYS A 124 -2.96 41.55 -0.92
N ASN A 125 -1.77 41.19 -0.42
CA ASN A 125 -0.80 40.32 -1.15
C ASN A 125 -1.10 38.84 -0.87
N GLU A 126 -1.75 38.52 0.26
CA GLU A 126 -2.19 37.13 0.61
C GLU A 126 -3.63 36.87 0.13
N ILE A 127 -4.08 37.56 -0.93
CA ILE A 127 -5.40 37.32 -1.58
C ILE A 127 -5.19 36.32 -2.71
N ARG A 128 -6.08 35.34 -2.85
CA ARG A 128 -6.03 34.35 -3.95
C ARG A 128 -6.12 35.12 -5.28
N SER A 129 -5.20 34.84 -6.20
CA SER A 129 -5.14 35.40 -7.57
C SER A 129 -6.05 34.61 -8.50
N GLY A 130 -6.17 35.07 -9.75
CA GLY A 130 -6.73 34.30 -10.88
C GLY A 130 -5.79 33.15 -11.22
N LEU A 131 -6.19 32.30 -12.17
CA LEU A 131 -5.42 31.08 -12.56
C LEU A 131 -4.38 31.40 -13.65
N GLU A 132 -4.44 32.59 -14.24
CA GLU A 132 -3.65 32.97 -15.45
C GLU A 132 -2.16 32.77 -15.18
N PRO A 133 -1.60 33.16 -14.01
CA PRO A 133 -0.16 32.97 -13.76
C PRO A 133 0.34 31.52 -13.74
N VAL A 134 -0.54 30.55 -13.50
CA VAL A 134 -0.19 29.10 -13.44
C VAL A 134 0.28 28.63 -14.82
N ILE A 135 -0.22 29.26 -15.89
CA ILE A 135 0.16 28.97 -17.31
C ILE A 135 1.45 29.71 -17.66
N THR A 136 1.51 31.03 -17.46
CA THR A 136 2.56 31.91 -18.05
C THR A 136 3.73 32.18 -17.10
N ASN A 137 3.47 32.33 -15.79
N ASN A 137 3.46 32.33 -15.79
CA ASN A 137 4.47 32.76 -14.79
CA ASN A 137 4.47 32.76 -14.79
C ASN A 137 5.21 31.52 -14.27
C ASN A 137 5.21 31.52 -14.27
N SER A 138 6.07 30.95 -15.11
CA SER A 138 6.88 29.75 -14.83
C SER A 138 8.21 29.92 -15.58
N LEU A 139 9.26 29.24 -15.13
CA LEU A 139 10.53 29.10 -15.90
C LEU A 139 10.19 28.67 -17.34
N ASN A 140 9.18 27.80 -17.50
CA ASN A 140 8.70 27.28 -18.80
C ASN A 140 7.28 27.80 -19.04
N ASN A 141 7.12 28.88 -19.80
CA ASN A 141 5.80 29.43 -20.22
C ASN A 141 5.06 28.35 -21.04
N ARG A 142 3.86 27.96 -20.60
CA ARG A 142 3.10 26.82 -21.20
C ARG A 142 1.91 27.32 -22.01
N SER A 143 1.78 28.65 -22.24
CA SER A 143 0.73 29.22 -23.11
C SER A 143 1.01 28.84 -24.56
N ALA A 144 0.00 28.89 -25.43
CA ALA A 144 0.11 28.58 -26.87
C ALA A 144 1.23 29.44 -27.49
N GLU A 145 1.30 30.72 -27.11
CA GLU A 145 2.24 31.73 -27.69
C GLU A 145 3.63 31.63 -27.03
N GLY A 146 3.75 31.01 -25.86
CA GLY A 146 5.02 30.99 -25.08
C GLY A 146 5.70 29.64 -25.02
N LYS A 147 5.06 28.55 -25.45
CA LYS A 147 5.55 27.16 -25.18
C LYS A 147 6.71 26.80 -26.13
N ASN A 148 6.94 27.58 -27.18
CA ASN A 148 7.89 27.24 -28.27
C ASN A 148 9.32 27.75 -27.98
N SER A 149 9.50 28.65 -27.01
CA SER A 149 10.85 29.09 -26.55
C SER A 149 11.57 27.91 -25.89
N GLU A 150 12.90 28.02 -25.72
CA GLU A 150 13.74 26.94 -25.13
C GLU A 150 13.17 26.53 -23.78
N ARG A 151 13.07 25.22 -23.54
CA ARG A 151 12.60 24.63 -22.28
C ARG A 151 13.80 24.50 -21.35
N MET A 152 13.60 24.72 -20.04
CA MET A 152 14.66 24.58 -19.03
C MET A 152 14.29 23.47 -18.04
N ALA A 153 15.25 22.60 -17.72
CA ALA A 153 15.14 21.54 -16.70
C ALA A 153 14.92 22.20 -15.34
N ASN A 154 14.07 21.61 -14.50
CA ASN A 154 13.71 22.18 -13.18
C ASN A 154 13.03 21.12 -12.32
N TYR A 155 12.97 21.37 -11.01
CA TYR A 155 12.07 20.63 -10.09
C TYR A 155 11.10 21.66 -9.49
N ILE A 156 9.89 21.19 -9.21
CA ILE A 156 8.76 21.99 -8.67
C ILE A 156 8.23 21.28 -7.43
N PHE A 157 7.69 22.04 -6.48
CA PHE A 157 6.99 21.52 -5.27
C PHE A 157 6.01 22.58 -4.79
N ILE A 158 5.02 22.16 -4.01
CA ILE A 158 4.03 23.09 -3.39
C ILE A 158 4.42 23.31 -1.91
N ARG A 159 4.99 22.29 -1.26
CA ARG A 159 5.54 22.40 0.12
C ARG A 159 6.81 21.55 0.23
N ALA A 160 7.61 21.80 1.27
CA ALA A 160 8.87 21.09 1.57
C ALA A 160 9.11 21.15 3.08
N HIS A 161 10.13 20.47 3.59
CA HIS A 161 10.45 20.44 5.05
C HIS A 161 10.60 21.87 5.56
N ASP A 162 11.19 22.75 4.73
CA ASP A 162 11.60 24.14 5.07
C ASP A 162 10.69 25.16 4.39
N SER A 163 9.51 24.78 3.91
CA SER A 163 8.66 25.67 3.07
C SER A 163 7.17 25.38 3.28
N GLU A 164 6.42 26.38 3.71
CA GLU A 164 4.93 26.37 3.88
C GLU A 164 4.52 25.38 4.98
N VAL A 165 5.39 25.12 5.96
CA VAL A 165 5.11 24.29 7.17
C VAL A 165 5.32 25.16 8.42
N GLN A 166 6.57 25.46 8.78
CA GLN A 166 6.93 26.28 9.98
C GLN A 166 6.16 27.61 9.97
N THR A 167 6.05 28.30 8.83
CA THR A 167 5.37 29.63 8.75
C THR A 167 3.90 29.50 9.16
N VAL A 168 3.27 28.35 8.92
CA VAL A 168 1.84 28.12 9.30
C VAL A 168 1.76 27.93 10.82
N ILE A 169 2.66 27.13 11.39
CA ILE A 169 2.76 26.85 12.86
C ILE A 169 3.01 28.19 13.58
N ALA A 170 3.88 29.03 13.02
CA ALA A 170 4.22 30.36 13.57
C ALA A 170 2.93 31.20 13.68
N LYS A 171 2.09 31.21 12.65
CA LYS A 171 0.79 31.93 12.66
C LYS A 171 -0.07 31.41 13.81
N ILE A 172 -0.15 30.08 13.98
CA ILE A 172 -1.04 29.44 15.00
C ILE A 172 -0.56 29.82 16.41
N ILE A 173 0.75 29.71 16.64
CA ILE A 173 1.37 30.03 17.96
C ILE A 173 1.11 31.51 18.29
N LYS A 174 1.37 32.41 17.35
CA LYS A 174 1.17 33.87 17.54
C LYS A 174 -0.30 34.17 17.82
N ALA A 175 -1.24 33.48 17.17
CA ALA A 175 -2.69 33.77 17.26
C ALA A 175 -3.30 33.21 18.56
N GLN A 176 -2.85 32.06 19.04
CA GLN A 176 -3.64 31.21 20.00
C GLN A 176 -2.81 30.70 21.20
N ILE A 177 -1.48 30.64 21.13
CA ILE A 177 -0.62 29.98 22.16
C ILE A 177 0.27 31.02 22.88
N ASN A 178 0.98 31.86 22.12
CA ASN A 178 1.95 32.84 22.68
C ASN A 178 2.02 34.05 21.76
N PRO A 179 1.10 35.03 21.90
CA PRO A 179 1.27 36.33 21.27
C PRO A 179 2.56 36.87 21.88
N LYS A 180 3.40 37.57 21.13
CA LYS A 180 4.76 37.98 21.60
C LYS A 180 5.77 36.86 21.33
N THR A 181 5.40 35.82 20.59
CA THR A 181 6.36 34.91 19.92
C THR A 181 7.12 35.74 18.89
N ASP A 182 8.41 35.44 18.68
CA ASP A 182 9.27 36.11 17.66
C ASP A 182 9.46 35.17 16.46
N GLY A 183 8.53 34.23 16.23
CA GLY A 183 8.75 33.04 15.38
C GLY A 183 10.08 32.39 15.72
N LEU A 184 10.62 31.55 14.83
CA LEU A 184 12.04 31.08 14.85
C LEU A 184 12.32 30.15 16.04
N THR A 185 12.16 30.64 17.28
CA THR A 185 12.40 29.86 18.53
C THR A 185 11.06 29.45 19.15
N PHE A 186 10.84 28.15 19.34
CA PHE A 186 9.62 27.55 19.96
C PHE A 186 10.05 26.48 20.95
N THR A 187 9.20 26.16 21.93
CA THR A 187 9.38 24.98 22.82
C THR A 187 8.66 23.77 22.21
N LEU A 188 9.05 22.57 22.61
CA LEU A 188 8.37 21.31 22.18
C LEU A 188 6.89 21.37 22.61
N ASP A 189 6.57 22.00 23.75
CA ASP A 189 5.17 22.06 24.25
C ASP A 189 4.34 23.05 23.43
N GLU A 190 4.93 24.18 23.01
CA GLU A 190 4.29 25.15 22.08
C GLU A 190 3.96 24.44 20.77
N LEU A 191 4.89 23.64 20.25
CA LEU A 191 4.76 22.89 18.98
C LEU A 191 3.62 21.88 19.10
N LYS A 192 3.59 21.11 20.18
CA LYS A 192 2.55 20.08 20.46
C LYS A 192 1.17 20.75 20.48
N GLN A 193 1.03 21.89 21.16
CA GLN A 193 -0.25 22.65 21.25
C GLN A 193 -0.64 23.16 19.85
N ALA A 194 0.32 23.69 19.10
CA ALA A 194 0.09 24.28 17.76
C ALA A 194 -0.34 23.19 16.78
N PHE A 195 0.28 22.01 16.86
CA PHE A 195 0.05 20.90 15.89
C PHE A 195 -1.34 20.29 16.09
N LYS A 196 -1.89 20.34 17.29
CA LYS A 196 -3.28 19.89 17.55
C LYS A 196 -4.23 20.78 16.74
N ILE A 197 -4.02 22.11 16.73
CA ILE A 197 -4.87 23.07 15.97
C ILE A 197 -4.62 22.92 14.47
N TYR A 198 -3.35 22.81 14.07
CA TYR A 198 -2.87 22.63 12.67
C TYR A 198 -3.59 21.43 12.04
N ASN A 199 -3.53 20.28 12.70
CA ASN A 199 -4.10 19.00 12.20
C ASN A 199 -5.62 19.11 12.08
N GLU A 200 -6.31 19.76 13.03
CA GLU A 200 -7.77 20.00 12.97
C GLU A 200 -8.10 20.93 11.80
N ASP A 201 -7.34 22.02 11.64
CA ASP A 201 -7.57 23.05 10.60
C ASP A 201 -7.42 22.43 9.21
N MET A 202 -6.40 21.58 9.02
CA MET A 202 -6.13 20.91 7.72
C MET A 202 -7.32 20.03 7.29
N ARG A 203 -8.08 19.48 8.24
CA ARG A 203 -9.20 18.53 7.96
C ARG A 203 -10.53 19.30 7.78
N GLN A 204 -10.54 20.63 7.94
CA GLN A 204 -11.77 21.46 7.79
C GLN A 204 -11.95 21.92 6.34
N ALA A 205 -13.19 22.24 5.95
CA ALA A 205 -13.55 22.92 4.69
C ALA A 205 -13.03 24.36 4.74
N LYS A 206 -13.42 25.11 5.78
CA LYS A 206 -12.95 26.49 6.04
C LYS A 206 -11.62 26.40 6.78
N LYS A 207 -10.52 26.67 6.08
CA LYS A 207 -9.14 26.59 6.64
C LYS A 207 -8.72 27.99 7.11
N LYS A 208 -8.48 28.14 8.41
CA LYS A 208 -8.04 29.40 9.05
C LYS A 208 -6.55 29.64 8.75
N TYR A 209 -5.75 28.57 8.69
CA TYR A 209 -4.27 28.61 8.69
C TYR A 209 -3.66 27.87 7.49
N THR A 210 -4.13 26.64 7.20
CA THR A 210 -3.47 25.68 6.26
C THR A 210 -3.87 25.99 4.82
N GLN A 211 -3.20 25.34 3.87
CA GLN A 211 -3.28 25.62 2.42
C GLN A 211 -4.59 25.06 1.84
N SER A 212 -5.32 25.86 1.07
CA SER A 212 -6.45 25.40 0.24
C SER A 212 -5.92 24.69 -1.02
N ASN A 213 -6.69 23.76 -1.58
CA ASN A 213 -6.50 23.19 -2.95
C ASN A 213 -5.14 22.49 -3.11
N ILE A 214 -4.68 21.72 -2.11
CA ILE A 214 -3.41 20.96 -2.23
C ILE A 214 -3.54 19.90 -3.32
N PRO A 215 -4.64 19.11 -3.39
CA PRO A 215 -4.81 18.15 -4.48
C PRO A 215 -4.72 18.77 -5.89
N THR A 216 -5.36 19.94 -6.09
CA THR A 216 -5.29 20.68 -7.37
C THR A 216 -3.84 21.03 -7.69
N ALA A 217 -3.06 21.49 -6.72
CA ALA A 217 -1.63 21.82 -6.89
C ALA A 217 -0.90 20.59 -7.44
N TYR A 218 -1.12 19.41 -6.86
CA TYR A 218 -0.47 18.15 -7.28
C TYR A 218 -0.97 17.72 -8.67
N ALA A 219 -2.26 17.89 -8.98
CA ALA A 219 -2.83 17.54 -10.30
C ALA A 219 -2.10 18.30 -11.40
N LEU A 220 -1.83 19.60 -11.20
CA LEU A 220 -1.16 20.48 -12.17
C LEU A 220 0.33 20.13 -12.25
N MET A 221 1.03 20.03 -11.12
CA MET A 221 2.49 19.72 -11.09
C MET A 221 2.75 18.38 -11.78
N LEU A 222 1.99 17.35 -11.42
CA LEU A 222 2.23 15.95 -11.84
C LEU A 222 1.89 15.76 -13.33
N SER A 223 1.02 16.60 -13.90
CA SER A 223 0.60 16.51 -15.32
C SER A 223 1.41 17.48 -16.20
N ASN A 224 2.23 18.36 -15.62
CA ASN A 224 2.99 19.39 -16.38
C ASN A 224 4.15 18.73 -17.14
N LYS A 225 4.35 19.15 -18.39
CA LYS A 225 5.51 18.76 -19.22
C LYS A 225 6.68 19.69 -18.86
N ASP A 226 7.92 19.18 -18.98
CA ASP A 226 9.18 19.95 -18.76
C ASP A 226 9.27 20.34 -17.27
N SER A 227 9.19 19.33 -16.39
CA SER A 227 9.32 19.52 -14.92
C SER A 227 9.45 18.16 -14.23
N ILE A 228 10.16 18.12 -13.11
CA ILE A 228 10.18 17.00 -12.13
C ILE A 228 9.46 17.51 -10.87
N THR A 229 8.49 16.76 -10.37
CA THR A 229 7.80 17.09 -9.10
C THR A 229 8.62 16.51 -7.94
N ARG A 230 8.75 17.28 -6.85
CA ARG A 230 9.21 16.75 -5.55
C ARG A 230 7.99 16.62 -4.63
N LEU A 231 7.51 15.38 -4.46
CA LEU A 231 6.46 15.01 -3.49
C LEU A 231 6.96 15.24 -2.07
N TYR A 232 6.19 15.93 -1.23
CA TYR A 232 6.53 16.20 0.18
C TYR A 232 5.86 15.16 1.09
N TYR A 233 6.66 14.50 1.93
CA TYR A 233 6.22 13.55 2.99
C TYR A 233 4.97 14.07 3.69
N GLY A 234 4.97 15.36 4.08
CA GLY A 234 3.95 16.00 4.91
C GLY A 234 2.65 16.28 4.15
N ASP A 235 2.61 16.01 2.85
CA ASP A 235 1.37 16.13 2.03
C ASP A 235 0.68 14.76 1.96
N MET A 236 1.42 13.68 2.24
CA MET A 236 0.90 12.28 2.28
C MET A 236 0.60 11.87 3.73
N TYR A 237 1.38 12.36 4.69
CA TYR A 237 1.30 12.01 6.14
C TYR A 237 1.32 13.30 6.97
N SER A 238 0.98 13.18 8.26
CA SER A 238 1.03 14.30 9.23
C SER A 238 2.48 14.79 9.37
N ASP A 239 2.67 16.10 9.44
CA ASP A 239 3.99 16.76 9.61
C ASP A 239 4.55 16.46 11.01
N ASP A 240 3.68 16.13 11.97
CA ASP A 240 4.07 15.71 13.35
C ASP A 240 3.74 14.22 13.54
N GLY A 241 3.94 13.71 14.75
CA GLY A 241 3.66 12.30 15.11
C GLY A 241 4.77 11.40 14.61
N GLN A 242 4.62 10.09 14.81
CA GLN A 242 5.62 9.07 14.38
C GLN A 242 5.61 8.98 12.85
N TYR A 243 6.72 8.50 12.27
CA TYR A 243 6.93 8.47 10.80
C TYR A 243 5.89 7.55 10.14
N MET A 244 5.06 8.10 9.25
CA MET A 244 4.08 7.39 8.41
C MET A 244 2.95 6.79 9.27
N ALA A 245 2.76 7.27 10.50
CA ALA A 245 1.76 6.73 11.45
C ALA A 245 0.34 7.20 11.08
N THR A 246 0.19 8.44 10.63
CA THR A 246 -1.14 9.03 10.30
C THR A 246 -1.09 9.61 8.89
N LYS A 247 -2.04 9.22 8.04
CA LYS A 247 -2.17 9.75 6.66
C LYS A 247 -2.67 11.20 6.75
N SER A 248 -2.23 12.03 5.80
CA SER A 248 -2.82 13.35 5.51
C SER A 248 -4.23 13.13 4.98
N PRO A 249 -5.17 14.09 5.11
CA PRO A 249 -6.46 14.01 4.43
C PRO A 249 -6.35 13.94 2.89
N TYR A 250 -5.20 14.34 2.32
CA TYR A 250 -4.99 14.44 0.85
C TYR A 250 -4.35 13.16 0.28
N TYR A 251 -4.00 12.18 1.12
CA TYR A 251 -3.28 10.94 0.72
C TYR A 251 -3.96 10.27 -0.49
N ASP A 252 -5.26 10.00 -0.39
CA ASP A 252 -6.00 9.20 -1.41
C ASP A 252 -6.00 9.94 -2.75
N ALA A 253 -6.30 11.24 -2.77
CA ALA A 253 -6.30 12.08 -4.00
C ALA A 253 -4.90 12.08 -4.63
N ILE A 254 -3.85 12.32 -3.84
CA ILE A 254 -2.47 12.47 -4.39
C ILE A 254 -1.98 11.10 -4.88
N ASP A 255 -2.25 10.03 -4.12
CA ASP A 255 -1.98 8.62 -4.52
C ASP A 255 -2.60 8.33 -5.89
N THR A 256 -3.85 8.74 -6.10
CA THR A 256 -4.59 8.58 -7.38
C THR A 256 -3.83 9.30 -8.51
N LEU A 257 -3.40 10.54 -8.26
CA LEU A 257 -2.70 11.40 -9.27
C LEU A 257 -1.32 10.80 -9.57
N LEU A 258 -0.61 10.28 -8.57
CA LEU A 258 0.76 9.71 -8.73
C LEU A 258 0.70 8.48 -9.64
N LYS A 259 -0.25 7.58 -9.41
CA LYS A 259 -0.44 6.33 -10.19
C LYS A 259 -0.83 6.69 -11.63
N ALA A 260 -1.73 7.66 -11.81
CA ALA A 260 -2.24 8.12 -13.12
C ALA A 260 -1.11 8.75 -13.95
N ARG A 261 -0.20 9.52 -13.33
CA ARG A 261 0.96 10.13 -14.04
C ARG A 261 1.75 9.05 -14.78
N ILE A 262 2.05 7.94 -14.11
CA ILE A 262 2.84 6.81 -14.68
C ILE A 262 2.10 6.26 -15.91
N LYS A 263 0.77 6.16 -15.79
CA LYS A 263 -0.11 5.47 -16.76
C LYS A 263 -0.43 6.38 -17.96
N TYR A 264 -0.58 7.70 -17.79
CA TYR A 264 -1.24 8.56 -18.81
C TYR A 264 -0.41 9.77 -19.25
N ALA A 265 0.56 10.27 -18.46
CA ALA A 265 1.20 11.60 -18.66
C ALA A 265 2.35 11.51 -19.68
N ALA A 266 2.07 11.83 -20.93
CA ALA A 266 3.04 11.73 -22.04
C ALA A 266 2.61 12.63 -23.20
N GLY A 267 3.54 12.87 -24.13
CA GLY A 267 3.33 13.70 -25.33
C GLY A 267 3.20 15.17 -24.99
N GLY A 268 2.63 15.95 -25.92
CA GLY A 268 2.55 17.42 -25.83
C GLY A 268 1.59 17.89 -24.76
N GLN A 269 1.58 19.20 -24.50
CA GLN A 269 0.72 19.85 -23.49
C GLN A 269 0.16 21.15 -24.05
N ASP A 270 -1.11 21.43 -23.78
CA ASP A 270 -1.69 22.79 -23.96
C ASP A 270 -2.50 23.15 -22.70
N MET A 271 -2.41 24.41 -22.30
CA MET A 271 -3.15 24.97 -21.14
C MET A 271 -3.94 26.18 -21.62
N LYS A 272 -5.14 26.36 -21.08
CA LYS A 272 -6.08 27.40 -21.55
C LYS A 272 -7.03 27.72 -20.39
N ILE A 273 -7.45 28.97 -20.30
CA ILE A 273 -8.52 29.39 -19.36
C ILE A 273 -9.74 29.80 -20.19
N THR A 274 -10.90 29.26 -19.85
CA THR A 274 -12.23 29.64 -20.39
C THR A 274 -12.93 30.52 -19.35
N TYR A 275 -13.32 31.73 -19.74
CA TYR A 275 -14.10 32.66 -18.89
C TYR A 275 -15.57 32.42 -19.20
N VAL A 276 -16.23 31.61 -18.36
CA VAL A 276 -17.71 31.40 -18.43
C VAL A 276 -18.36 32.71 -17.98
N GLU A 277 -19.57 32.96 -18.48
CA GLU A 277 -20.38 34.15 -18.09
C GLU A 277 -20.72 34.06 -16.61
N GLY A 278 -21.24 32.90 -16.18
CA GLY A 278 -21.61 32.61 -14.79
C GLY A 278 -22.98 33.16 -14.43
N ASP A 279 -23.53 32.76 -13.28
CA ASP A 279 -24.81 33.25 -12.69
C ASP A 279 -24.61 34.61 -11.98
N LYS A 280 -23.51 34.78 -11.23
CA LYS A 280 -23.09 36.03 -10.54
C LYS A 280 -23.99 36.35 -9.35
N SER A 281 -25.32 36.42 -9.50
CA SER A 281 -26.28 36.67 -8.39
C SER A 281 -26.09 35.62 -7.29
N HIS A 282 -25.60 34.43 -7.65
CA HIS A 282 -25.35 33.30 -6.72
C HIS A 282 -23.84 33.12 -6.50
N MET A 283 -23.03 34.17 -6.71
CA MET A 283 -21.55 34.15 -6.58
C MET A 283 -21.09 35.30 -5.67
N ASP A 284 -20.06 35.06 -4.87
CA ASP A 284 -19.38 36.09 -4.03
C ASP A 284 -18.26 36.70 -4.87
N TRP A 285 -17.08 36.07 -4.88
CA TRP A 285 -15.95 36.40 -5.79
C TRP A 285 -16.42 36.18 -7.24
N ASP A 286 -16.19 37.15 -8.12
CA ASP A 286 -16.80 37.19 -9.48
C ASP A 286 -15.91 36.48 -10.51
N TYR A 287 -14.77 35.93 -10.11
CA TYR A 287 -13.81 35.27 -11.04
C TYR A 287 -14.46 34.02 -11.66
N THR A 288 -14.54 33.96 -12.99
CA THR A 288 -15.22 32.87 -13.76
C THR A 288 -14.20 32.06 -14.59
N GLY A 289 -12.91 32.19 -14.31
CA GLY A 289 -11.86 31.47 -15.04
C GLY A 289 -11.88 29.99 -14.73
N VAL A 290 -11.91 29.14 -15.77
CA VAL A 290 -11.78 27.66 -15.64
C VAL A 290 -10.55 27.23 -16.43
N LEU A 291 -9.52 26.74 -15.73
CA LEU A 291 -8.27 26.25 -16.35
C LEU A 291 -8.48 24.82 -16.86
N THR A 292 -8.01 24.53 -18.07
CA THR A 292 -7.85 23.15 -18.59
C THR A 292 -6.36 22.94 -18.93
N SER A 293 -5.84 21.76 -18.62
CA SER A 293 -4.48 21.30 -18.99
C SER A 293 -4.58 19.91 -19.62
N VAL A 294 -4.17 19.77 -20.89
CA VAL A 294 -4.28 18.51 -21.69
C VAL A 294 -2.87 17.98 -22.00
N ARG A 295 -2.67 16.66 -21.85
CA ARG A 295 -1.52 15.91 -22.39
C ARG A 295 -2.07 15.00 -23.51
N TYR A 296 -1.35 14.90 -24.64
CA TYR A 296 -1.87 14.26 -25.88
C TYR A 296 -1.51 12.77 -25.95
N GLY A 297 -0.53 12.30 -25.16
CA GLY A 297 -0.05 10.92 -25.20
C GLY A 297 1.10 10.76 -26.17
N THR A 298 1.87 9.67 -26.04
CA THR A 298 3.10 9.40 -26.81
C THR A 298 2.79 9.49 -28.30
N GLY A 299 3.60 10.24 -29.06
CA GLY A 299 3.51 10.36 -30.52
C GLY A 299 2.81 11.62 -30.99
N ALA A 300 2.15 12.37 -30.09
CA ALA A 300 1.44 13.63 -30.41
C ALA A 300 2.00 14.78 -29.57
N ASN A 301 2.58 15.80 -30.21
CA ASN A 301 3.20 16.98 -29.56
C ASN A 301 2.24 18.19 -29.59
N GLU A 302 1.25 18.19 -30.49
CA GLU A 302 0.32 19.32 -30.70
C GLU A 302 -1.10 18.79 -30.91
N ALA A 303 -2.09 19.67 -30.78
CA ALA A 303 -3.53 19.36 -30.89
C ALA A 303 -3.86 18.76 -32.26
N THR A 304 -3.06 19.09 -33.28
CA THR A 304 -3.30 18.72 -34.69
C THR A 304 -2.57 17.42 -35.06
N ASP A 305 -1.67 16.91 -34.22
CA ASP A 305 -0.90 15.66 -34.49
C ASP A 305 -1.84 14.45 -34.44
N GLN A 306 -1.68 13.50 -35.36
CA GLN A 306 -2.58 12.33 -35.52
C GLN A 306 -2.32 11.26 -34.47
N GLY A 307 -1.06 11.10 -34.05
CA GLY A 307 -0.62 9.96 -33.22
C GLY A 307 -0.81 8.65 -33.96
N SER A 308 -1.02 7.55 -33.24
CA SER A 308 -1.31 6.22 -33.82
C SER A 308 -2.31 5.49 -32.92
N GLU A 309 -2.91 4.41 -33.43
CA GLU A 309 -3.92 3.62 -32.67
C GLU A 309 -3.25 3.02 -31.43
N ALA A 310 -1.94 2.76 -31.49
CA ALA A 310 -1.13 2.18 -30.39
C ALA A 310 -0.83 3.20 -29.29
N THR A 311 -1.34 4.43 -29.35
CA THR A 311 -1.16 5.49 -28.32
C THR A 311 -2.49 6.10 -27.88
N LYS A 312 -3.61 5.54 -28.35
CA LYS A 312 -5.00 6.01 -28.06
C LYS A 312 -5.28 6.07 -26.55
N THR A 313 -4.70 5.18 -25.74
CA THR A 313 -5.05 5.03 -24.30
C THR A 313 -4.05 5.81 -23.42
N GLN A 314 -3.47 6.89 -23.96
CA GLN A 314 -2.56 7.82 -23.25
C GLN A 314 -3.10 9.24 -23.30
N GLY A 315 -2.50 10.13 -22.50
CA GLY A 315 -2.99 11.51 -22.41
C GLY A 315 -4.02 11.70 -21.29
N MET A 316 -4.33 12.95 -20.97
CA MET A 316 -5.29 13.25 -19.88
C MET A 316 -5.72 14.72 -19.90
N ALA A 317 -6.81 15.04 -19.22
CA ALA A 317 -7.29 16.42 -19.03
C ALA A 317 -7.47 16.69 -17.53
N VAL A 318 -6.94 17.83 -17.06
CA VAL A 318 -7.23 18.43 -15.73
C VAL A 318 -8.09 19.67 -15.96
N ILE A 319 -9.22 19.77 -15.24
CA ILE A 319 -10.15 20.93 -15.26
C ILE A 319 -10.21 21.46 -13.83
N THR A 320 -9.97 22.76 -13.63
CA THR A 320 -10.01 23.35 -12.27
C THR A 320 -10.55 24.77 -12.28
N SER A 321 -11.36 25.08 -11.26
CA SER A 321 -11.64 26.46 -10.78
C SER A 321 -11.03 26.62 -9.38
N ASN A 322 -10.62 27.84 -9.04
CA ASN A 322 -10.12 28.22 -7.69
C ASN A 322 -11.17 29.08 -6.99
N ASN A 323 -12.43 29.07 -7.46
CA ASN A 323 -13.52 29.91 -6.90
C ASN A 323 -14.60 29.02 -6.28
N PRO A 324 -14.69 28.92 -4.93
CA PRO A 324 -15.64 28.02 -4.28
C PRO A 324 -17.13 28.30 -4.56
N SER A 325 -17.49 29.49 -5.05
CA SER A 325 -18.90 29.88 -5.33
C SER A 325 -19.19 29.94 -6.83
N LEU A 326 -18.28 29.48 -7.69
CA LEU A 326 -18.51 29.48 -9.17
C LEU A 326 -19.82 28.76 -9.49
N LYS A 327 -20.67 29.40 -10.30
CA LYS A 327 -21.89 28.77 -10.88
C LYS A 327 -22.01 29.16 -12.35
N LEU A 328 -22.06 28.16 -13.23
CA LEU A 328 -22.27 28.36 -14.70
C LEU A 328 -23.75 28.65 -14.93
N ASN A 329 -24.09 29.59 -15.81
CA ASN A 329 -25.49 29.75 -16.29
C ASN A 329 -25.77 28.57 -17.24
N GLN A 330 -27.01 28.43 -17.72
CA GLN A 330 -27.46 27.20 -18.41
C GLN A 330 -26.92 27.17 -19.85
N ASN A 331 -26.31 28.25 -20.33
CA ASN A 331 -25.76 28.35 -21.71
C ASN A 331 -24.23 28.14 -21.71
N ASP A 332 -23.59 28.13 -20.53
CA ASP A 332 -22.11 28.10 -20.38
C ASP A 332 -21.58 26.71 -20.76
N LYS A 333 -20.49 26.67 -21.54
CA LYS A 333 -19.78 25.44 -21.91
C LYS A 333 -18.29 25.63 -21.66
N VAL A 334 -17.62 24.56 -21.23
CA VAL A 334 -16.13 24.44 -21.26
C VAL A 334 -15.79 23.32 -22.24
N ILE A 335 -15.15 23.67 -23.37
CA ILE A 335 -14.68 22.72 -24.41
C ILE A 335 -13.24 22.34 -24.07
N VAL A 336 -12.96 21.04 -23.95
CA VAL A 336 -11.58 20.52 -23.75
C VAL A 336 -11.18 19.77 -25.03
N ASN A 337 -10.23 20.32 -25.78
CA ASN A 337 -9.72 19.67 -27.02
C ASN A 337 -8.68 18.63 -26.63
N MET A 338 -9.05 17.35 -26.72
CA MET A 338 -8.15 16.22 -26.34
C MET A 338 -7.17 15.95 -27.49
N GLY A 339 -7.40 16.54 -28.67
CA GLY A 339 -6.51 16.46 -29.83
C GLY A 339 -7.10 15.62 -30.97
N THR A 340 -6.57 15.79 -32.19
CA THR A 340 -6.99 15.05 -33.40
C THR A 340 -6.60 13.56 -33.25
N ALA A 341 -5.70 13.24 -32.32
CA ALA A 341 -5.32 11.85 -31.98
C ALA A 341 -6.41 11.14 -31.17
N HIS A 342 -7.48 11.84 -30.76
CA HIS A 342 -8.49 11.34 -29.78
C HIS A 342 -9.91 11.64 -30.24
N LYS A 343 -10.15 11.57 -31.55
CA LYS A 343 -11.50 11.68 -32.18
C LYS A 343 -12.35 10.46 -31.77
N ASN A 344 -13.65 10.66 -31.55
CA ASN A 344 -14.65 9.59 -31.35
C ASN A 344 -14.11 8.56 -30.34
N GLN A 345 -13.67 9.04 -29.16
CA GLN A 345 -12.99 8.21 -28.15
C GLN A 345 -13.65 8.39 -26.77
N GLU A 346 -13.77 7.29 -26.02
CA GLU A 346 -14.41 7.25 -24.69
C GLU A 346 -13.41 7.72 -23.63
N TYR A 347 -13.84 8.65 -22.79
CA TYR A 347 -13.12 9.13 -21.59
C TYR A 347 -13.94 8.80 -20.35
N ARG A 348 -13.25 8.55 -19.24
CA ARG A 348 -13.89 8.33 -17.91
C ARG A 348 -13.15 9.15 -16.87
N PRO A 349 -13.84 9.55 -15.78
CA PRO A 349 -13.22 10.35 -14.72
C PRO A 349 -12.25 9.50 -13.89
N LEU A 350 -11.12 10.12 -13.54
CA LEU A 350 -10.13 9.59 -12.55
C LEU A 350 -10.44 10.20 -11.18
N LEU A 351 -10.73 11.50 -11.14
CA LEU A 351 -11.05 12.33 -9.93
C LEU A 351 -12.21 13.27 -10.25
N LEU A 352 -13.23 13.33 -9.39
CA LEU A 352 -14.32 14.33 -9.49
C LEU A 352 -14.54 14.96 -8.11
N THR A 353 -14.86 16.26 -8.10
CA THR A 353 -15.21 17.02 -6.88
C THR A 353 -16.70 16.82 -6.60
N THR A 354 -17.06 16.57 -5.34
CA THR A 354 -18.46 16.53 -4.85
C THR A 354 -18.58 17.49 -3.66
N LYS A 355 -19.79 17.59 -3.10
CA LYS A 355 -20.08 18.39 -1.88
C LYS A 355 -19.10 18.04 -0.76
N ASP A 356 -18.69 16.77 -0.65
CA ASP A 356 -17.97 16.23 0.53
C ASP A 356 -16.44 16.21 0.32
N GLY A 357 -15.96 16.08 -0.91
CA GLY A 357 -14.52 15.99 -1.19
C GLY A 357 -14.21 15.64 -2.64
N LEU A 358 -13.38 14.62 -2.83
CA LEU A 358 -12.94 14.07 -4.13
C LEU A 358 -13.28 12.58 -4.18
N THR A 359 -14.00 12.16 -5.22
CA THR A 359 -14.23 10.74 -5.56
C THR A 359 -13.13 10.31 -6.53
N SER A 360 -12.34 9.31 -6.16
CA SER A 360 -11.33 8.70 -7.05
C SER A 360 -11.92 7.42 -7.67
N TYR A 361 -11.63 7.16 -8.95
CA TYR A 361 -12.10 5.96 -9.69
C TYR A 361 -10.89 5.12 -10.07
N THR A 362 -10.80 3.91 -9.51
CA THR A 362 -9.59 3.05 -9.54
C THR A 362 -9.56 2.19 -10.82
N SER A 363 -10.61 2.25 -11.64
CA SER A 363 -10.74 1.47 -12.89
C SER A 363 -11.76 2.13 -13.82
N ASP A 364 -11.75 1.74 -15.10
CA ASP A 364 -12.75 2.19 -16.10
C ASP A 364 -14.15 1.75 -15.63
N ALA A 365 -14.30 0.50 -15.17
CA ALA A 365 -15.60 -0.11 -14.80
C ALA A 365 -16.23 0.63 -13.63
N ALA A 366 -15.43 1.09 -12.67
CA ALA A 366 -15.90 1.87 -11.49
C ALA A 366 -16.63 3.14 -11.94
N ALA A 367 -16.38 3.60 -13.17
CA ALA A 367 -16.92 4.88 -13.72
C ALA A 367 -17.72 4.67 -15.01
N LYS A 368 -18.00 3.42 -15.40
CA LYS A 368 -18.96 3.15 -16.51
C LYS A 368 -20.21 3.96 -16.17
N SER A 369 -20.95 4.48 -17.14
CA SER A 369 -22.16 5.31 -16.87
C SER A 369 -21.77 6.78 -16.74
N LEU A 370 -20.52 7.08 -16.33
CA LEU A 370 -19.94 8.44 -16.39
C LEU A 370 -19.07 8.58 -17.65
N TYR A 371 -18.90 7.51 -18.45
CA TYR A 371 -18.18 7.55 -19.74
C TYR A 371 -18.67 8.74 -20.57
N ARG A 372 -17.76 9.48 -21.18
CA ARG A 372 -18.09 10.53 -22.19
C ARG A 372 -17.22 10.31 -23.43
N LYS A 373 -17.83 10.49 -24.61
CA LYS A 373 -17.20 10.24 -25.94
C LYS A 373 -16.88 11.59 -26.58
N THR A 374 -15.63 11.79 -27.01
CA THR A 374 -15.21 12.99 -27.78
C THR A 374 -15.92 12.99 -29.14
N ASN A 375 -16.19 14.18 -29.70
CA ASN A 375 -16.75 14.35 -31.06
C ASN A 375 -15.66 14.07 -32.11
N ASP A 376 -15.95 14.29 -33.39
CA ASP A 376 -15.06 13.96 -34.52
C ASP A 376 -13.88 14.96 -34.60
N LYS A 377 -13.87 15.99 -33.75
CA LYS A 377 -12.75 16.97 -33.62
C LYS A 377 -11.88 16.67 -32.39
N GLY A 378 -12.28 15.70 -31.56
CA GLY A 378 -11.56 15.29 -30.35
C GLY A 378 -11.89 16.12 -29.13
N GLU A 379 -13.09 16.73 -29.09
CA GLU A 379 -13.53 17.63 -27.99
C GLU A 379 -14.46 16.90 -27.01
N LEU A 380 -14.23 17.07 -25.71
CA LEU A 380 -15.21 16.85 -24.61
C LEU A 380 -15.87 18.18 -24.28
N VAL A 381 -17.17 18.18 -23.95
CA VAL A 381 -17.94 19.41 -23.59
C VAL A 381 -18.52 19.22 -22.18
N PHE A 382 -18.23 20.16 -21.29
CA PHE A 382 -18.73 20.21 -19.88
C PHE A 382 -19.62 21.44 -19.71
N ASP A 383 -20.68 21.33 -18.90
CA ASP A 383 -21.66 22.41 -18.65
C ASP A 383 -21.93 22.50 -17.14
N ALA A 384 -23.00 23.21 -16.74
CA ALA A 384 -23.37 23.51 -15.34
C ALA A 384 -23.57 22.22 -14.53
N SER A 385 -24.03 21.13 -15.16
CA SER A 385 -24.27 19.82 -14.49
C SER A 385 -22.93 19.13 -14.15
N ASP A 386 -21.82 19.55 -14.75
CA ASP A 386 -20.48 18.97 -14.52
C ASP A 386 -19.65 19.86 -13.57
N ILE A 387 -19.60 21.16 -13.86
CA ILE A 387 -18.65 22.12 -13.21
C ILE A 387 -19.45 23.08 -12.33
N GLN A 388 -19.05 23.16 -11.06
CA GLN A 388 -19.67 23.99 -10.00
C GLN A 388 -18.60 24.23 -8.94
N GLY A 389 -18.57 25.42 -8.34
CA GLY A 389 -17.72 25.69 -7.16
C GLY A 389 -18.18 24.90 -5.94
N TYR A 390 -17.25 24.32 -5.19
CA TYR A 390 -17.51 23.63 -3.89
C TYR A 390 -16.52 24.17 -2.85
N LEU A 391 -16.89 24.10 -1.57
CA LEU A 391 -15.98 24.34 -0.43
C LEU A 391 -16.01 23.10 0.45
N ASN A 392 -14.94 22.30 0.41
CA ASN A 392 -14.84 21.05 1.21
C ASN A 392 -13.38 20.90 1.60
N PRO A 393 -13.04 19.94 2.47
CA PRO A 393 -11.65 19.79 2.93
C PRO A 393 -10.62 19.64 1.81
N GLN A 394 -11.03 19.06 0.67
CA GLN A 394 -10.12 18.71 -0.46
C GLN A 394 -10.00 19.88 -1.44
N VAL A 395 -11.07 20.66 -1.63
CA VAL A 395 -11.21 21.60 -2.80
C VAL A 395 -11.92 22.89 -2.36
N SER A 396 -11.39 24.03 -2.79
CA SER A 396 -12.03 25.37 -2.77
C SER A 396 -12.13 25.85 -4.22
N GLY A 397 -13.25 25.52 -4.87
CA GLY A 397 -13.44 25.62 -6.34
C GLY A 397 -13.90 24.28 -6.91
N TYR A 398 -13.22 23.79 -7.95
CA TYR A 398 -13.58 22.54 -8.67
C TYR A 398 -12.32 21.86 -9.20
N LEU A 399 -12.25 20.54 -9.09
CA LEU A 399 -11.16 19.70 -9.68
C LEU A 399 -11.77 18.45 -10.32
N ALA A 400 -11.47 18.23 -11.60
CA ALA A 400 -11.74 16.98 -12.34
C ALA A 400 -10.48 16.57 -13.10
N VAL A 401 -10.22 15.27 -13.16
CA VAL A 401 -9.18 14.67 -14.04
C VAL A 401 -9.88 13.58 -14.87
N TRP A 402 -9.73 13.67 -16.19
CA TRP A 402 -10.34 12.71 -17.17
C TRP A 402 -9.23 11.96 -17.88
N VAL A 403 -9.40 10.64 -18.06
CA VAL A 403 -8.43 9.74 -18.72
C VAL A 403 -9.15 8.92 -19.80
N PRO A 404 -8.45 8.54 -20.88
CA PRO A 404 -9.05 7.70 -21.92
C PRO A 404 -9.30 6.28 -21.40
N VAL A 405 -10.45 5.73 -21.77
CA VAL A 405 -10.86 4.33 -21.45
C VAL A 405 -9.92 3.35 -22.16
N GLY A 406 -9.48 2.29 -21.47
CA GLY A 406 -8.93 1.07 -22.09
C GLY A 406 -7.46 0.84 -21.80
N ALA A 407 -6.83 1.65 -20.95
CA ALA A 407 -5.42 1.44 -20.56
C ALA A 407 -5.28 0.08 -19.86
N SER A 408 -4.23 -0.67 -20.15
CA SER A 408 -3.89 -1.91 -19.40
C SER A 408 -3.49 -1.53 -17.97
N ASP A 409 -3.70 -2.44 -17.01
CA ASP A 409 -3.47 -2.20 -15.57
C ASP A 409 -2.04 -1.67 -15.35
N ASN A 410 -1.06 -2.21 -16.07
CA ASN A 410 0.39 -1.90 -15.86
C ASN A 410 0.95 -1.08 -17.03
N GLN A 411 0.10 -0.37 -17.78
CA GLN A 411 0.51 0.64 -18.79
C GLN A 411 1.44 1.67 -18.11
N ASP A 412 2.60 1.92 -18.72
CA ASP A 412 3.68 2.79 -18.18
C ASP A 412 4.26 3.60 -19.34
N VAL A 413 4.00 4.90 -19.39
CA VAL A 413 4.34 5.77 -20.56
C VAL A 413 5.66 6.52 -20.31
N ARG A 414 6.41 6.16 -19.26
CA ARG A 414 7.69 6.81 -18.91
C ARG A 414 8.77 6.38 -19.92
N VAL A 415 9.77 7.22 -20.10
CA VAL A 415 10.84 7.09 -21.15
C VAL A 415 12.18 6.87 -20.46
N ALA A 416 12.98 5.92 -20.97
CA ALA A 416 14.36 5.63 -20.53
C ALA A 416 15.30 6.76 -20.97
N ALA A 417 16.39 6.94 -20.23
CA ALA A 417 17.42 7.98 -20.47
C ALA A 417 18.21 7.65 -21.74
N SER A 418 18.51 8.66 -22.55
CA SER A 418 19.36 8.56 -23.77
C SER A 418 20.81 8.26 -23.36
N ASN A 419 21.51 7.47 -24.18
CA ASN A 419 22.94 7.12 -24.01
C ASN A 419 23.83 8.19 -24.65
N LYS A 420 23.24 9.17 -25.36
CA LYS A 420 23.95 10.23 -26.12
C LYS A 420 24.12 11.47 -25.23
N ALA A 421 25.16 12.27 -25.50
CA ALA A 421 25.40 13.58 -24.87
C ALA A 421 24.36 14.58 -25.39
N ASN A 422 23.92 15.50 -24.54
CA ASN A 422 22.97 16.59 -24.90
C ASN A 422 23.67 17.52 -25.89
N ALA A 423 23.02 17.82 -27.02
CA ALA A 423 23.54 18.72 -28.09
C ALA A 423 23.87 20.09 -27.48
N THR A 424 23.05 20.57 -26.54
CA THR A 424 23.14 21.92 -25.93
C THR A 424 24.33 22.02 -24.97
N GLY A 425 24.90 20.88 -24.53
CA GLY A 425 26.06 20.82 -23.62
C GLY A 425 25.69 21.02 -22.16
N GLN A 426 24.41 21.20 -21.84
CA GLN A 426 23.89 21.26 -20.44
C GLN A 426 23.89 19.85 -19.85
N VAL A 427 24.16 19.70 -18.55
CA VAL A 427 24.04 18.41 -17.82
C VAL A 427 22.59 17.95 -17.86
N TYR A 428 21.64 18.84 -17.56
CA TYR A 428 20.18 18.57 -17.58
C TYR A 428 19.53 19.40 -18.68
N GLU A 429 19.17 18.71 -19.76
CA GLU A 429 18.32 19.22 -20.87
C GLU A 429 16.89 18.71 -20.60
N SER A 430 15.88 19.57 -20.71
CA SER A 430 14.47 19.16 -20.50
C SER A 430 14.10 18.12 -21.56
N SER A 431 13.51 16.99 -21.14
CA SER A 431 13.13 15.87 -22.03
C SER A 431 12.06 15.02 -21.35
N SER A 432 11.42 14.15 -22.13
CA SER A 432 10.44 13.14 -21.64
C SER A 432 11.13 12.17 -20.67
N ALA A 433 12.40 11.83 -20.90
CA ALA A 433 13.21 10.98 -19.98
C ALA A 433 13.35 11.68 -18.62
N LEU A 434 13.68 12.96 -18.62
CA LEU A 434 13.86 13.74 -17.36
C LEU A 434 12.51 13.90 -16.66
N ASP A 435 11.44 14.19 -17.42
CA ASP A 435 10.03 14.28 -16.91
C ASP A 435 9.61 12.97 -16.23
N SER A 436 10.22 11.84 -16.58
CA SER A 436 9.90 10.49 -16.04
C SER A 436 10.43 10.31 -14.61
N GLN A 437 11.32 11.20 -14.15
CA GLN A 437 11.86 11.16 -12.77
C GLN A 437 10.86 11.85 -11.82
N LEU A 438 10.81 11.38 -10.57
CA LEU A 438 10.03 12.00 -9.48
C LEU A 438 10.80 11.86 -8.17
N ILE A 439 10.98 12.98 -7.48
CA ILE A 439 11.72 13.07 -6.18
C ILE A 439 10.70 13.02 -5.03
N TYR A 440 11.03 12.28 -3.97
CA TYR A 440 10.25 12.24 -2.70
C TYR A 440 11.12 12.84 -1.60
N GLU A 441 10.68 13.96 -1.03
CA GLU A 441 11.28 14.51 0.22
C GLU A 441 10.66 13.76 1.39
N GLY A 442 11.38 12.75 1.90
CA GLY A 442 10.84 11.69 2.79
C GLY A 442 11.07 11.98 4.26
N PHE A 443 10.87 13.23 4.70
CA PHE A 443 10.94 13.63 6.13
C PHE A 443 10.23 14.96 6.36
N SER A 444 9.85 15.22 7.61
CA SER A 444 9.37 16.51 8.13
C SER A 444 10.29 16.93 9.28
N ASN A 445 10.57 18.23 9.40
CA ASN A 445 11.28 18.83 10.56
C ASN A 445 10.60 18.43 11.87
N PHE A 446 9.26 18.38 11.88
CA PHE A 446 8.41 18.32 13.11
C PHE A 446 7.98 16.89 13.44
N GLN A 447 8.61 15.87 12.84
CA GLN A 447 8.42 14.46 13.28
C GLN A 447 8.63 14.38 14.79
N ASP A 448 7.83 13.58 15.50
CA ASP A 448 8.02 13.33 16.95
C ASP A 448 9.28 12.46 17.12
N PHE A 449 9.91 12.54 18.29
CA PHE A 449 10.97 11.59 18.72
C PHE A 449 10.32 10.21 18.92
N VAL A 450 11.09 9.13 18.69
CA VAL A 450 10.58 7.74 18.81
C VAL A 450 10.28 7.45 20.28
N THR A 451 9.31 6.57 20.52
CA THR A 451 8.93 5.99 21.84
C THR A 451 9.64 4.64 21.98
N LYS A 452 9.76 3.89 20.88
CA LYS A 452 10.48 2.59 20.80
C LYS A 452 11.26 2.52 19.49
N ASP A 453 12.17 1.55 19.36
CA ASP A 453 13.07 1.36 18.20
C ASP A 453 12.27 1.09 16.92
N SER A 454 11.12 0.40 17.03
CA SER A 454 10.27 -0.01 15.87
C SER A 454 9.64 1.21 15.17
N ASP A 455 9.62 2.38 15.82
CA ASP A 455 9.05 3.65 15.26
C ASP A 455 10.04 4.34 14.31
N TYR A 456 11.33 3.96 14.31
CA TYR A 456 12.42 4.73 13.64
C TYR A 456 12.13 4.91 12.14
N THR A 457 12.24 6.15 11.67
CA THR A 457 12.01 6.59 10.26
C THR A 457 12.72 5.63 9.29
N ASN A 458 14.00 5.32 9.53
CA ASN A 458 14.85 4.59 8.55
C ASN A 458 14.44 3.10 8.49
N LYS A 459 13.91 2.53 9.58
CA LYS A 459 13.33 1.16 9.54
C LYS A 459 12.10 1.17 8.63
N LYS A 460 11.19 2.13 8.82
CA LYS A 460 9.95 2.31 8.03
C LYS A 460 10.27 2.49 6.55
N ILE A 461 11.31 3.27 6.21
CA ILE A 461 11.71 3.52 4.79
C ILE A 461 12.01 2.17 4.13
N ALA A 462 12.82 1.33 4.77
CA ALA A 462 13.25 0.00 4.26
C ALA A 462 12.03 -0.92 4.09
N GLN A 463 10.99 -0.75 4.90
CA GLN A 463 9.80 -1.65 4.95
C GLN A 463 8.75 -1.24 3.91
N ASN A 464 8.86 -0.04 3.31
CA ASN A 464 7.77 0.55 2.47
C ASN A 464 8.28 0.88 1.06
N VAL A 465 9.39 0.30 0.61
CA VAL A 465 10.02 0.62 -0.71
C VAL A 465 9.00 0.45 -1.85
N GLN A 466 8.18 -0.60 -1.83
CA GLN A 466 7.24 -0.91 -2.94
C GLN A 466 6.14 0.17 -3.02
N LEU A 467 5.76 0.76 -1.89
CA LEU A 467 4.79 1.89 -1.87
C LEU A 467 5.40 3.09 -2.64
N PHE A 468 6.65 3.43 -2.35
CA PHE A 468 7.39 4.53 -3.02
C PHE A 468 7.46 4.24 -4.53
N LYS A 469 7.77 2.99 -4.89
CA LYS A 469 7.85 2.56 -6.32
C LYS A 469 6.49 2.75 -7.00
N SER A 470 5.39 2.41 -6.33
CA SER A 470 4.01 2.55 -6.89
C SER A 470 3.69 4.03 -7.13
N TRP A 471 4.32 4.95 -6.39
CA TRP A 471 4.12 6.42 -6.54
C TRP A 471 4.98 6.98 -7.68
N GLY A 472 5.92 6.18 -8.21
CA GLY A 472 6.82 6.57 -9.30
C GLY A 472 8.07 7.28 -8.79
N VAL A 473 8.38 7.11 -7.51
CA VAL A 473 9.59 7.73 -6.88
C VAL A 473 10.82 7.08 -7.53
N THR A 474 11.64 7.88 -8.21
CA THR A 474 12.93 7.45 -8.82
C THR A 474 14.09 7.92 -7.94
N SER A 475 13.88 8.96 -7.14
CA SER A 475 14.91 9.54 -6.25
C SER A 475 14.29 9.87 -4.88
N PHE A 476 14.83 9.25 -3.82
CA PHE A 476 14.38 9.42 -2.43
C PHE A 476 15.36 10.37 -1.72
N GLU A 477 14.87 11.56 -1.37
CA GLU A 477 15.67 12.56 -0.62
C GLU A 477 15.52 12.27 0.87
N MET A 478 16.54 11.66 1.47
CA MET A 478 16.58 11.36 2.92
C MET A 478 16.90 12.66 3.69
N ALA A 479 16.40 12.74 4.93
CA ALA A 479 16.79 13.77 5.91
C ALA A 479 18.31 13.81 6.01
N PRO A 480 18.92 14.94 6.42
CA PRO A 480 20.33 14.94 6.78
C PRO A 480 20.52 13.95 7.94
N GLN A 481 21.56 13.12 7.86
CA GLN A 481 21.76 11.94 8.75
C GLN A 481 22.80 12.24 9.84
N TYR A 482 23.31 13.48 9.91
CA TYR A 482 24.37 13.89 10.86
C TYR A 482 23.76 13.90 12.27
N VAL A 483 24.50 13.37 13.26
CA VAL A 483 24.09 13.40 14.69
C VAL A 483 23.88 14.86 15.10
N SER A 484 22.73 15.16 15.70
CA SER A 484 22.28 16.53 16.06
C SER A 484 22.89 16.97 17.40
N SER A 485 23.15 18.28 17.53
CA SER A 485 23.41 18.98 18.80
C SER A 485 22.06 19.22 19.50
N GLU A 486 22.08 19.49 20.82
CA GLU A 486 20.85 19.56 21.67
C GLU A 486 20.86 20.86 22.49
N ASP A 487 20.05 21.86 22.09
CA ASP A 487 20.09 23.24 22.64
C ASP A 487 18.87 24.06 22.21
N GLY A 488 18.93 25.38 22.42
CA GLY A 488 17.91 26.38 22.04
C GLY A 488 18.22 27.04 20.71
N SER A 489 17.40 26.77 19.70
CA SER A 489 17.61 27.03 18.25
C SER A 489 16.92 25.88 17.48
N PHE A 490 15.95 26.22 16.63
CA PHE A 490 14.89 25.28 16.16
C PHE A 490 15.48 23.97 15.64
N LEU A 491 16.55 24.00 14.85
CA LEU A 491 17.14 22.77 14.24
C LEU A 491 17.59 21.82 15.36
N ASP A 492 18.05 22.34 16.51
CA ASP A 492 18.52 21.50 17.65
C ASP A 492 17.34 21.05 18.52
N SER A 493 16.35 21.92 18.68
CA SER A 493 15.14 21.57 19.46
C SER A 493 14.47 20.32 18.87
N ILE A 494 14.35 20.25 17.54
CA ILE A 494 13.62 19.12 16.89
C ILE A 494 14.63 18.11 16.34
N ILE A 495 15.93 18.41 16.48
CA ILE A 495 17.00 17.45 16.06
C ILE A 495 16.70 16.94 14.64
N GLN A 496 16.37 17.83 13.70
CA GLN A 496 16.12 17.44 12.27
C GLN A 496 17.36 16.75 11.73
N ASN A 497 18.43 16.76 12.52
CA ASN A 497 19.63 15.93 12.24
C ASN A 497 20.69 16.87 11.76
N GLY A 498 21.05 16.71 10.52
CA GLY A 498 21.96 17.71 10.02
C GLY A 498 21.27 19.01 10.23
N TYR A 499 21.85 20.09 9.69
CA TYR A 499 21.31 21.44 9.93
C TYR A 499 21.93 21.91 11.26
N ALA A 500 21.79 21.13 12.34
CA ALA A 500 22.56 21.51 13.55
C ALA A 500 23.45 20.35 13.99
N PHE A 501 24.74 20.41 13.66
CA PHE A 501 25.67 19.30 13.97
C PHE A 501 27.04 19.79 14.43
N GLU A 502 27.76 18.97 15.20
CA GLU A 502 29.12 19.28 15.73
C GLU A 502 30.17 18.50 14.95
N ASP A 503 29.77 17.41 14.27
CA ASP A 503 30.69 16.53 13.51
C ASP A 503 30.06 16.19 12.14
N ARG A 504 30.64 16.73 11.06
CA ARG A 504 30.18 16.60 9.65
C ARG A 504 30.21 15.13 9.20
N TYR A 505 31.13 14.33 9.72
CA TYR A 505 31.40 12.94 9.23
C TYR A 505 30.67 11.89 10.08
N ASP A 506 29.87 12.32 11.06
CA ASP A 506 29.18 11.43 12.04
C ASP A 506 27.72 11.22 11.59
N LEU A 507 27.47 10.20 10.76
CA LEU A 507 26.13 9.82 10.25
C LEU A 507 25.58 8.64 11.08
N ALA A 508 24.93 8.96 12.20
CA ALA A 508 24.39 7.95 13.13
C ALA A 508 25.49 6.99 13.63
N MET A 509 26.71 7.49 13.87
CA MET A 509 27.83 6.57 14.21
C MET A 509 28.25 6.61 15.69
N SER A 510 28.38 7.78 16.31
CA SER A 510 28.74 7.92 17.75
C SER A 510 27.54 7.48 18.58
N LYS A 511 26.38 7.51 17.99
CA LYS A 511 25.02 7.25 18.55
C LYS A 511 23.97 7.40 17.45
N ASN A 512 22.75 6.95 17.73
CA ASN A 512 21.57 7.07 16.84
C ASN A 512 21.34 8.55 16.50
N ASN A 513 20.90 8.84 15.28
CA ASN A 513 20.25 10.14 14.93
C ASN A 513 18.75 9.97 15.23
N LYS A 514 17.95 11.01 14.95
CA LYS A 514 16.46 11.00 15.14
C LYS A 514 15.81 9.82 14.37
N TYR A 515 16.48 9.33 13.33
CA TYR A 515 15.88 8.47 12.27
C TYR A 515 16.29 7.00 12.48
N GLY A 516 17.26 6.73 13.36
CA GLY A 516 17.67 5.37 13.76
C GLY A 516 19.16 5.23 13.92
N SER A 517 19.65 3.99 13.86
CA SER A 517 21.09 3.62 14.02
C SER A 517 21.81 3.73 12.68
N GLN A 518 23.14 3.64 12.69
CA GLN A 518 24.00 3.55 11.49
C GLN A 518 23.48 2.43 10.57
N GLN A 519 23.13 1.28 11.16
CA GLN A 519 22.66 0.09 10.43
C GLN A 519 21.28 0.36 9.83
N ASP A 520 20.37 1.02 10.55
CA ASP A 520 19.03 1.42 10.04
C ASP A 520 19.22 2.27 8.78
N MET A 521 20.12 3.27 8.82
CA MET A 521 20.40 4.20 7.70
C MET A 521 20.93 3.39 6.51
N ILE A 522 21.98 2.60 6.73
CA ILE A 522 22.61 1.73 5.68
C ILE A 522 21.53 0.85 5.04
N ASN A 523 20.67 0.21 5.83
CA ASN A 523 19.66 -0.76 5.33
C ASN A 523 18.57 -0.04 4.51
N ALA A 524 18.21 1.18 4.87
CA ALA A 524 17.24 2.01 4.11
C ALA A 524 17.78 2.30 2.71
N VAL A 525 19.08 2.66 2.63
CA VAL A 525 19.75 3.00 1.34
C VAL A 525 19.83 1.73 0.47
N LYS A 526 20.24 0.61 1.07
CA LYS A 526 20.33 -0.71 0.39
C LYS A 526 18.95 -1.16 -0.11
N ALA A 527 17.90 -1.01 0.71
CA ALA A 527 16.52 -1.42 0.36
C ALA A 527 16.02 -0.62 -0.84
N LEU A 528 16.21 0.71 -0.81
CA LEU A 528 15.82 1.61 -1.92
C LEU A 528 16.55 1.21 -3.21
N HIS A 529 17.86 0.95 -3.15
CA HIS A 529 18.69 0.53 -4.31
C HIS A 529 18.18 -0.79 -4.89
N LYS A 530 17.77 -1.74 -4.04
CA LYS A 530 17.36 -3.10 -4.49
C LYS A 530 16.14 -3.00 -5.42
N SER A 531 15.33 -1.95 -5.31
CA SER A 531 14.16 -1.68 -6.18
C SER A 531 14.46 -0.55 -7.17
N GLY A 532 15.74 -0.21 -7.35
CA GLY A 532 16.23 0.75 -8.37
C GLY A 532 15.88 2.20 -8.08
N ILE A 533 15.69 2.57 -6.82
CA ILE A 533 15.43 3.98 -6.39
C ILE A 533 16.73 4.60 -5.92
N GLN A 534 17.10 5.78 -6.46
CA GLN A 534 18.28 6.56 -6.03
C GLN A 534 18.03 7.19 -4.65
N VAL A 535 19.11 7.46 -3.93
CA VAL A 535 19.10 8.22 -2.63
C VAL A 535 19.91 9.50 -2.82
N ILE A 536 19.36 10.64 -2.40
CA ILE A 536 20.04 11.98 -2.43
C ILE A 536 20.63 12.28 -1.04
N ALA A 537 21.93 12.63 -1.01
CA ALA A 537 22.69 13.09 0.18
C ALA A 537 22.48 14.59 0.36
N ASP A 538 22.58 15.09 1.60
CA ASP A 538 22.30 16.50 1.97
C ASP A 538 23.63 17.21 2.27
N TRP A 539 24.15 17.96 1.29
CA TRP A 539 25.44 18.70 1.38
C TRP A 539 25.15 20.13 1.88
N VAL A 540 25.46 20.39 3.16
CA VAL A 540 25.20 21.68 3.86
C VAL A 540 26.52 22.21 4.41
N PRO A 541 27.37 22.81 3.54
CA PRO A 541 28.68 23.30 3.96
C PRO A 541 28.76 24.71 4.59
N ASP A 542 27.62 25.36 4.86
CA ASP A 542 27.57 26.76 5.37
C ASP A 542 28.06 26.85 6.82
N GLN A 543 27.64 25.92 7.69
CA GLN A 543 27.77 26.09 9.17
C GLN A 543 28.25 24.81 9.86
N ILE A 544 28.79 24.99 11.06
CA ILE A 544 29.03 23.90 12.06
C ILE A 544 28.85 24.46 13.47
N TYR A 545 28.33 23.64 14.38
CA TYR A 545 27.93 24.04 15.76
C TYR A 545 29.05 23.66 16.74
N ASN A 546 29.09 24.40 17.86
CA ASN A 546 30.23 24.52 18.81
C ASN A 546 29.66 24.69 20.23
N LYS A 584 38.78 13.88 19.09
CA LYS A 584 39.07 12.72 18.22
C LYS A 584 37.76 12.16 17.65
N ASP A 585 37.03 13.01 16.93
CA ASP A 585 35.72 12.70 16.29
C ASP A 585 35.99 12.16 14.88
N TYR A 586 34.99 12.17 14.00
CA TYR A 586 35.09 11.61 12.63
C TYR A 586 35.69 12.65 11.67
N GLN A 587 35.51 13.95 11.95
CA GLN A 587 36.23 15.04 11.25
C GLN A 587 37.74 14.78 11.35
N ALA A 588 38.22 14.34 12.52
CA ALA A 588 39.63 14.01 12.81
C ALA A 588 40.08 12.82 11.95
N LYS A 589 39.26 11.79 11.84
CA LYS A 589 39.62 10.52 11.14
C LYS A 589 39.61 10.73 9.61
N TYR A 590 38.62 11.46 9.09
CA TYR A 590 38.29 11.52 7.64
C TYR A 590 38.63 12.89 7.02
N GLY A 591 38.88 13.92 7.83
CA GLY A 591 39.23 15.28 7.37
C GLY A 591 40.44 15.29 6.44
N GLY A 592 40.24 15.66 5.18
CA GLY A 592 41.28 15.73 4.13
C GLY A 592 41.79 14.37 3.68
N ALA A 593 41.20 13.27 4.17
CA ALA A 593 41.72 11.89 4.00
C ALA A 593 41.73 11.48 2.53
N PHE A 594 40.85 12.03 1.69
CA PHE A 594 40.58 11.55 0.31
C PHE A 594 41.17 12.50 -0.73
N LEU A 595 41.80 13.60 -0.33
CA LEU A 595 42.30 14.67 -1.26
C LEU A 595 43.42 14.13 -2.16
N SER A 596 44.32 13.30 -1.63
CA SER A 596 45.42 12.65 -2.40
C SER A 596 44.83 11.83 -3.57
N GLU A 597 43.90 10.93 -3.27
CA GLU A 597 43.18 10.07 -4.25
C GLU A 597 42.42 10.94 -5.26
N LEU A 598 41.70 11.96 -4.79
CA LEU A 598 40.86 12.83 -5.66
C LEU A 598 41.75 13.63 -6.62
N ALA A 599 42.94 14.04 -6.19
CA ALA A 599 43.93 14.81 -7.00
C ALA A 599 44.50 13.92 -8.11
N ALA A 600 44.81 12.65 -7.79
CA ALA A 600 45.33 11.65 -8.73
C ALA A 600 44.31 11.37 -9.83
N LYS A 601 43.04 11.17 -9.47
CA LYS A 601 41.98 10.65 -10.37
C LYS A 601 41.26 11.78 -11.12
N TYR A 602 40.97 12.90 -10.46
CA TYR A 602 40.08 13.97 -10.99
C TYR A 602 40.81 15.32 -10.98
N PRO A 603 41.88 15.48 -11.78
CA PRO A 603 42.67 16.71 -11.78
C PRO A 603 41.87 17.97 -12.17
N SER A 604 40.84 17.82 -13.03
CA SER A 604 39.95 18.92 -13.52
C SER A 604 39.40 19.76 -12.35
N ILE A 605 39.08 19.12 -11.22
CA ILE A 605 38.51 19.78 -10.01
C ILE A 605 39.55 20.74 -9.43
N PHE A 606 40.82 20.31 -9.41
CA PHE A 606 41.97 21.00 -8.77
C PHE A 606 42.58 22.04 -9.71
N ASN A 607 42.28 21.99 -11.01
CA ASN A 607 42.83 22.89 -12.05
C ASN A 607 41.95 24.13 -12.24
N ARG A 608 40.69 24.11 -11.82
CA ARG A 608 39.76 25.26 -11.96
C ARG A 608 40.23 26.39 -11.03
N THR A 609 40.34 27.60 -11.56
CA THR A 609 40.50 28.85 -10.78
C THR A 609 39.11 29.32 -10.35
N GLN A 610 38.83 29.33 -9.05
CA GLN A 610 37.47 29.62 -8.53
C GLN A 610 37.19 31.11 -8.71
N ILE A 611 35.94 31.48 -8.99
CA ILE A 611 35.50 32.85 -9.39
C ILE A 611 35.72 33.85 -8.25
N SER A 612 35.24 33.54 -7.04
CA SER A 612 35.11 34.52 -5.92
C SER A 612 36.49 34.91 -5.36
N ASN A 613 37.41 33.95 -5.21
CA ASN A 613 38.75 34.22 -4.62
C ASN A 613 39.84 34.25 -5.70
N GLY A 614 39.54 33.87 -6.94
CA GLY A 614 40.50 33.85 -8.07
C GLY A 614 41.64 32.87 -7.85
N LYS A 615 41.40 31.79 -7.10
CA LYS A 615 42.44 30.80 -6.74
C LYS A 615 41.92 29.37 -6.98
N LYS A 616 42.84 28.45 -7.21
CA LYS A 616 42.58 26.99 -7.24
C LYS A 616 42.41 26.50 -5.79
N ILE A 617 41.67 25.43 -5.56
CA ILE A 617 41.49 24.85 -4.21
C ILE A 617 42.87 24.36 -3.73
N ASP A 618 43.11 24.34 -2.42
CA ASP A 618 44.43 24.06 -1.81
C ASP A 618 44.32 22.82 -0.92
N PRO A 619 44.69 21.63 -1.45
CA PRO A 619 44.69 20.39 -0.65
C PRO A 619 45.97 20.09 0.15
N SER A 620 46.86 21.08 0.30
CA SER A 620 48.18 20.92 0.96
C SER A 620 48.01 20.84 2.49
N GLU A 621 46.89 21.37 3.02
CA GLU A 621 46.52 21.29 4.47
C GLU A 621 45.23 20.48 4.59
N LYS A 622 45.21 19.51 5.51
CA LYS A 622 44.01 18.76 5.95
C LYS A 622 43.34 19.53 7.09
N ILE A 623 42.02 19.64 7.09
CA ILE A 623 41.24 20.20 8.24
C ILE A 623 40.73 19.02 9.08
N THR A 624 41.40 18.74 10.20
CA THR A 624 41.09 17.61 11.13
C THR A 624 40.31 18.15 12.34
N ALA A 625 40.16 19.46 12.46
CA ALA A 625 39.42 20.14 13.55
C ALA A 625 39.10 21.58 13.14
N TRP A 626 37.85 22.01 13.37
CA TRP A 626 37.36 23.38 13.04
C TRP A 626 37.73 24.35 14.16
N LYS A 627 38.43 25.44 13.81
CA LYS A 627 38.88 26.51 14.76
C LYS A 627 38.54 27.87 14.15
N ALA A 628 38.74 28.95 14.92
CA ALA A 628 38.35 30.34 14.57
C ALA A 628 38.93 30.74 13.21
N LYS A 629 40.11 30.22 12.86
CA LYS A 629 40.86 30.57 11.62
C LYS A 629 40.04 30.24 10.37
N TYR A 630 39.12 29.26 10.45
CA TYR A 630 38.32 28.76 9.31
C TYR A 630 36.87 29.30 9.36
N PHE A 631 36.59 30.28 10.23
CA PHE A 631 35.23 30.85 10.44
C PHE A 631 35.19 32.31 9.96
N ASN A 632 34.01 32.74 9.48
CA ASN A 632 33.72 34.07 8.87
C ASN A 632 34.46 34.19 7.53
N ALA B 1 3.07 -41.48 -8.36
CA ALA B 1 2.23 -41.11 -7.17
C ALA B 1 2.00 -42.34 -6.29
N ASN B 2 2.61 -42.38 -5.10
CA ASN B 2 2.54 -43.51 -4.13
C ASN B 2 1.81 -43.05 -2.86
N ASP B 3 0.74 -43.74 -2.47
CA ASP B 3 0.03 -43.55 -1.18
C ASP B 3 0.88 -44.15 -0.06
N ILE B 4 1.35 -43.32 0.88
CA ILE B 4 2.17 -43.75 2.05
C ILE B 4 1.27 -44.53 3.02
N ASP B 5 1.80 -45.62 3.59
CA ASP B 5 1.07 -46.50 4.55
C ASP B 5 1.24 -45.92 5.97
N ASN B 6 0.29 -45.08 6.39
CA ASN B 6 0.32 -44.37 7.70
C ASN B 6 -0.34 -45.23 8.80
N SER B 7 -0.64 -46.50 8.51
CA SER B 7 -1.09 -47.50 9.52
C SER B 7 0.15 -48.16 10.15
N ASN B 8 1.31 -48.05 9.51
CA ASN B 8 2.59 -48.64 9.95
C ASN B 8 3.21 -47.74 11.02
N PRO B 9 3.44 -48.23 12.26
CA PRO B 9 4.00 -47.41 13.34
C PRO B 9 5.38 -46.78 13.06
N VAL B 10 6.21 -47.40 12.20
CA VAL B 10 7.54 -46.84 11.83
C VAL B 10 7.32 -45.63 10.91
N VAL B 11 6.33 -45.71 10.01
CA VAL B 11 5.95 -44.58 9.10
C VAL B 11 5.43 -43.43 9.96
N GLN B 12 4.59 -43.73 10.94
CA GLN B 12 4.00 -42.73 11.87
C GLN B 12 5.13 -41.97 12.59
N ALA B 13 6.19 -42.68 12.99
CA ALA B 13 7.38 -42.10 13.65
C ALA B 13 8.10 -41.15 12.68
N GLU B 14 8.20 -41.56 11.42
CA GLU B 14 8.86 -40.76 10.34
C GLU B 14 8.04 -39.49 10.08
N GLN B 15 6.70 -39.58 10.09
CA GLN B 15 5.79 -38.42 9.87
C GLN B 15 5.95 -37.40 11.00
N LEU B 16 6.13 -37.87 12.24
CA LEU B 16 6.47 -36.98 13.40
C LEU B 16 7.83 -36.34 13.16
N ASN B 17 8.82 -37.12 12.72
CA ASN B 17 10.20 -36.64 12.46
C ASN B 17 10.16 -35.48 11.45
N TRP B 18 9.33 -35.62 10.42
CA TRP B 18 9.15 -34.64 9.32
C TRP B 18 8.49 -33.38 9.87
N LEU B 19 7.43 -33.52 10.67
CA LEU B 19 6.72 -32.38 11.31
C LEU B 19 7.71 -31.53 12.11
N HIS B 20 8.57 -32.16 12.91
CA HIS B 20 9.60 -31.48 13.73
C HIS B 20 10.56 -30.69 12.84
N TYR B 21 11.01 -31.31 11.75
CA TYR B 21 11.91 -30.70 10.73
C TYR B 21 11.27 -29.42 10.17
N LEU B 22 9.99 -29.48 9.76
CA LEU B 22 9.27 -28.34 9.12
C LEU B 22 9.16 -27.17 10.12
N MET B 23 8.85 -27.44 11.38
CA MET B 23 8.53 -26.38 12.37
C MET B 23 9.82 -25.81 12.96
N ASN B 24 10.94 -26.52 12.86
CA ASN B 24 12.26 -26.07 13.36
C ASN B 24 13.27 -26.02 12.20
N TYR B 25 12.77 -25.75 10.98
CA TYR B 25 13.56 -25.74 9.73
C TYR B 25 14.75 -24.79 9.84
N GLY B 26 14.49 -23.58 10.37
CA GLY B 26 15.50 -22.52 10.55
C GLY B 26 16.65 -22.98 11.43
N SER B 27 16.35 -23.43 12.65
CA SER B 27 17.33 -23.91 13.66
C SER B 27 18.17 -25.06 13.09
N ILE B 28 17.54 -25.99 12.39
CA ILE B 28 18.16 -27.29 11.98
C ILE B 28 19.04 -27.08 10.75
N VAL B 29 18.54 -26.40 9.72
CA VAL B 29 19.19 -26.29 8.38
C VAL B 29 20.04 -25.02 8.31
N ALA B 30 19.51 -23.86 8.73
CA ALA B 30 20.13 -22.53 8.53
C ALA B 30 20.84 -22.05 9.80
N ASN B 31 20.65 -22.74 10.93
CA ASN B 31 21.20 -22.35 12.26
C ASN B 31 20.68 -20.94 12.60
N ASP B 32 19.37 -20.74 12.45
CA ASP B 32 18.70 -19.42 12.51
C ASP B 32 17.28 -19.60 13.05
N PRO B 33 17.03 -19.40 14.37
CA PRO B 33 15.70 -19.63 14.94
C PRO B 33 14.62 -18.65 14.46
N GLU B 34 14.98 -17.60 13.73
CA GLU B 34 14.05 -16.58 13.19
C GLU B 34 13.43 -17.10 11.88
N ALA B 35 13.94 -18.19 11.31
CA ALA B 35 13.46 -18.80 10.04
C ALA B 35 12.67 -20.10 10.32
N ASN B 36 12.12 -20.27 11.53
CA ASN B 36 11.28 -21.42 11.91
C ASN B 36 9.82 -21.11 11.56
N PHE B 37 9.00 -22.13 11.31
CA PHE B 37 7.54 -21.99 11.09
C PHE B 37 6.84 -22.10 12.46
N ASP B 38 5.77 -21.34 12.68
CA ASP B 38 5.09 -21.21 13.99
C ASP B 38 3.91 -22.18 14.06
N GLY B 39 3.20 -22.37 12.96
CA GLY B 39 1.98 -23.20 12.90
C GLY B 39 2.08 -24.23 11.79
N VAL B 40 1.10 -25.12 11.71
CA VAL B 40 1.05 -26.19 10.67
C VAL B 40 -0.36 -26.25 10.08
N ARG B 41 -0.44 -26.45 8.76
CA ARG B 41 -1.68 -26.90 8.05
C ARG B 41 -1.59 -28.43 7.90
N VAL B 42 -2.47 -29.15 8.60
CA VAL B 42 -2.55 -30.63 8.57
C VAL B 42 -3.47 -31.04 7.43
N ASP B 43 -2.96 -31.82 6.47
CA ASP B 43 -3.75 -32.36 5.32
C ASP B 43 -3.61 -33.89 5.29
N ALA B 44 -4.45 -34.60 6.05
CA ALA B 44 -4.44 -36.07 6.21
C ALA B 44 -5.18 -36.76 5.06
N VAL B 45 -6.04 -36.01 4.35
CA VAL B 45 -6.76 -36.45 3.10
C VAL B 45 -7.75 -37.58 3.41
N ASP B 46 -7.26 -38.75 3.85
CA ASP B 46 -8.03 -40.02 3.97
C ASP B 46 -8.29 -40.37 5.45
N ASN B 47 -9.41 -41.03 5.73
CA ASN B 47 -9.80 -41.50 7.09
C ASN B 47 -8.75 -42.48 7.62
N VAL B 48 -8.08 -43.24 6.75
CA VAL B 48 -7.03 -44.23 7.13
C VAL B 48 -5.83 -43.52 7.79
N ASN B 49 -5.71 -42.19 7.66
CA ASN B 49 -4.57 -41.39 8.17
C ASN B 49 -4.94 -40.66 9.48
N ALA B 50 -6.07 -41.01 10.12
CA ALA B 50 -6.64 -40.34 11.31
C ALA B 50 -5.59 -40.17 12.42
N ASP B 51 -4.76 -41.19 12.66
CA ASP B 51 -3.76 -41.25 13.76
C ASP B 51 -2.82 -40.05 13.70
N LEU B 52 -2.50 -39.56 12.51
CA LEU B 52 -1.55 -38.43 12.30
C LEU B 52 -2.07 -37.14 12.97
N LEU B 53 -3.39 -36.96 13.06
CA LEU B 53 -4.01 -35.77 13.73
C LEU B 53 -3.64 -35.78 15.23
N GLN B 54 -3.67 -36.94 15.89
CA GLN B 54 -3.33 -37.08 17.33
C GLN B 54 -1.81 -36.93 17.53
N ILE B 55 -1.00 -37.49 16.61
CA ILE B 55 0.49 -37.39 16.66
C ILE B 55 0.90 -35.91 16.53
N ALA B 56 0.35 -35.22 15.51
CA ALA B 56 0.58 -33.77 15.27
C ALA B 56 0.16 -32.98 16.52
N SER B 57 -1.04 -33.24 17.04
CA SER B 57 -1.63 -32.54 18.22
C SER B 57 -0.76 -32.79 19.46
N ASP B 58 -0.26 -34.01 19.65
CA ASP B 58 0.64 -34.38 20.78
C ASP B 58 1.96 -33.60 20.66
N TYR B 59 2.51 -33.46 19.45
CA TYR B 59 3.77 -32.71 19.18
C TYR B 59 3.59 -31.22 19.54
N LEU B 60 2.50 -30.61 19.07
CA LEU B 60 2.21 -29.17 19.31
C LEU B 60 2.05 -28.91 20.80
N LYS B 61 1.41 -29.83 21.53
CA LYS B 61 1.22 -29.72 23.01
C LYS B 61 2.57 -29.81 23.72
N ALA B 62 3.41 -30.79 23.38
CA ALA B 62 4.68 -31.10 24.10
C ALA B 62 5.74 -30.05 23.77
N HIS B 63 5.86 -29.65 22.51
CA HIS B 63 6.93 -28.74 22.00
C HIS B 63 6.60 -27.27 22.32
N TYR B 64 5.33 -26.85 22.20
CA TYR B 64 4.90 -25.43 22.26
C TYR B 64 3.92 -25.17 23.43
N GLY B 65 3.44 -26.21 24.12
CA GLY B 65 2.51 -26.07 25.26
C GLY B 65 1.22 -25.36 24.87
N VAL B 66 0.68 -25.66 23.68
CA VAL B 66 -0.53 -24.98 23.13
C VAL B 66 -1.76 -25.26 24.01
N ASP B 67 -1.72 -26.34 24.79
CA ASP B 67 -2.84 -26.75 25.69
C ASP B 67 -2.78 -26.00 27.04
N LYS B 68 -1.67 -25.30 27.33
CA LYS B 68 -1.37 -24.73 28.68
C LYS B 68 -1.87 -23.29 28.79
N SER B 69 -2.05 -22.57 27.67
CA SER B 69 -2.60 -21.20 27.64
C SER B 69 -3.14 -20.86 26.25
N GLU B 70 -4.15 -19.98 26.21
CA GLU B 70 -4.65 -19.36 24.94
C GLU B 70 -3.46 -18.74 24.20
N LYS B 71 -2.59 -18.01 24.91
CA LYS B 71 -1.38 -17.34 24.35
C LYS B 71 -0.53 -18.33 23.55
N ASN B 72 -0.19 -19.49 24.12
CA ASN B 72 0.63 -20.52 23.43
C ASN B 72 -0.10 -21.02 22.18
N ALA B 73 -1.41 -21.25 22.27
CA ALA B 73 -2.26 -21.76 21.17
C ALA B 73 -2.33 -20.73 20.03
N ILE B 74 -2.57 -19.46 20.34
CA ILE B 74 -2.69 -18.36 19.34
C ILE B 74 -1.32 -18.08 18.71
N ASN B 75 -0.23 -18.20 19.49
CA ASN B 75 1.15 -17.93 18.99
C ASN B 75 1.65 -19.06 18.08
N HIS B 76 0.95 -20.19 18.00
CA HIS B 76 1.28 -21.31 17.06
C HIS B 76 0.00 -21.75 16.33
N LEU B 77 -0.69 -20.79 15.70
CA LEU B 77 -2.01 -21.01 15.06
C LEU B 77 -1.88 -22.11 13.99
N SER B 78 -2.61 -23.22 14.17
CA SER B 78 -2.58 -24.42 13.30
C SER B 78 -3.99 -24.74 12.81
N ILE B 79 -4.11 -25.32 11.61
CA ILE B 79 -5.43 -25.48 10.92
C ILE B 79 -5.52 -26.90 10.34
N LEU B 80 -6.74 -27.38 10.18
CA LEU B 80 -7.05 -28.71 9.61
C LEU B 80 -7.71 -28.52 8.25
N GLU B 81 -7.13 -29.08 7.18
CA GLU B 81 -7.76 -29.16 5.84
C GLU B 81 -9.02 -30.03 5.97
N ALA B 82 -10.10 -29.67 5.25
CA ALA B 82 -11.38 -30.40 5.25
C ALA B 82 -11.10 -31.89 5.14
N TRP B 83 -11.63 -32.71 6.05
CA TRP B 83 -11.20 -34.12 6.22
C TRP B 83 -12.42 -35.04 6.38
N SER B 84 -13.15 -34.92 7.49
CA SER B 84 -14.39 -35.70 7.79
C SER B 84 -15.62 -34.81 7.54
N ASP B 85 -16.82 -35.40 7.70
CA ASP B 85 -18.12 -34.69 7.58
C ASP B 85 -18.36 -33.81 8.82
N ASN B 86 -17.59 -33.98 9.89
CA ASN B 86 -17.72 -33.18 11.13
C ASN B 86 -16.35 -33.04 11.81
N ASP B 87 -15.48 -32.22 11.22
CA ASP B 87 -14.11 -31.95 11.72
C ASP B 87 -14.16 -31.26 13.08
N PRO B 88 -15.09 -30.30 13.32
CA PRO B 88 -15.17 -29.64 14.62
C PRO B 88 -15.43 -30.63 15.77
N GLN B 89 -16.41 -31.52 15.63
CA GLN B 89 -16.78 -32.51 16.68
C GLN B 89 -15.64 -33.53 16.82
N TYR B 90 -15.04 -33.99 15.72
CA TYR B 90 -13.92 -34.97 15.75
C TYR B 90 -12.72 -34.37 16.49
N ASN B 91 -12.40 -33.11 16.21
CA ASN B 91 -11.25 -32.40 16.85
C ASN B 91 -11.53 -32.25 18.34
N LYS B 92 -12.79 -31.97 18.72
CA LYS B 92 -13.22 -31.82 20.14
C LYS B 92 -13.17 -33.18 20.87
N ASP B 93 -13.75 -34.24 20.28
CA ASP B 93 -13.84 -35.61 20.86
C ASP B 93 -12.43 -36.14 21.15
N THR B 94 -11.55 -36.13 20.14
CA THR B 94 -10.09 -36.24 20.33
C THR B 94 -9.71 -34.92 20.99
N LYS B 95 -8.52 -34.75 21.57
CA LYS B 95 -8.21 -33.46 22.24
C LYS B 95 -7.32 -32.64 21.31
N GLY B 96 -7.75 -32.48 20.05
CA GLY B 96 -6.91 -32.02 18.93
C GLY B 96 -6.50 -30.56 19.04
N ALA B 97 -5.42 -30.18 18.35
CA ALA B 97 -4.76 -28.86 18.46
C ALA B 97 -4.77 -28.14 17.10
N GLN B 98 -5.83 -28.28 16.31
CA GLN B 98 -5.99 -27.53 15.03
C GLN B 98 -7.39 -26.93 14.95
N LEU B 99 -7.49 -25.75 14.32
CA LEU B 99 -8.78 -25.09 13.97
C LEU B 99 -9.45 -25.89 12.85
N PRO B 100 -10.72 -26.28 13.02
CA PRO B 100 -11.49 -26.88 11.93
C PRO B 100 -12.08 -25.81 11.00
N ILE B 101 -12.41 -26.19 9.77
CA ILE B 101 -13.18 -25.34 8.81
C ILE B 101 -14.63 -25.30 9.27
N ASP B 102 -15.30 -24.14 9.15
CA ASP B 102 -16.77 -24.02 9.30
C ASP B 102 -17.36 -24.30 7.91
N ASN B 103 -17.45 -25.59 7.54
CA ASN B 103 -17.77 -26.03 6.17
C ASN B 103 -19.23 -25.69 5.87
N LYS B 104 -20.11 -25.80 6.86
CA LYS B 104 -21.55 -25.52 6.71
C LYS B 104 -21.75 -24.07 6.29
N LEU B 105 -21.06 -23.12 6.93
CA LEU B 105 -21.22 -21.69 6.60
C LEU B 105 -20.59 -21.40 5.23
N ARG B 106 -19.44 -22.01 4.93
CA ARG B 106 -18.75 -21.85 3.61
C ARG B 106 -19.76 -22.15 2.49
N LEU B 107 -20.47 -23.28 2.58
CA LEU B 107 -21.45 -23.71 1.55
C LEU B 107 -22.69 -22.80 1.59
N SER B 108 -23.17 -22.41 2.76
CA SER B 108 -24.29 -21.43 2.92
C SER B 108 -23.94 -20.13 2.18
N LEU B 109 -22.72 -19.60 2.35
CA LEU B 109 -22.24 -18.35 1.69
C LEU B 109 -22.15 -18.56 0.17
N LEU B 110 -21.54 -19.65 -0.30
CA LEU B 110 -21.39 -19.92 -1.75
C LEU B 110 -22.77 -19.95 -2.42
N TYR B 111 -23.76 -20.65 -1.83
CA TYR B 111 -25.06 -20.91 -2.48
C TYR B 111 -26.01 -19.72 -2.30
N ALA B 112 -25.84 -18.88 -1.27
CA ALA B 112 -26.67 -17.67 -1.06
C ALA B 112 -26.15 -16.49 -1.90
N LEU B 113 -24.84 -16.44 -2.17
CA LEU B 113 -24.20 -15.22 -2.73
C LEU B 113 -23.64 -15.43 -4.15
N THR B 114 -22.94 -16.54 -4.43
CA THR B 114 -22.03 -16.65 -5.59
C THR B 114 -22.69 -17.33 -6.80
N ARG B 115 -23.69 -18.21 -6.59
CA ARG B 115 -24.30 -19.02 -7.67
C ARG B 115 -25.24 -18.16 -8.51
N PRO B 116 -25.51 -18.54 -9.79
CA PRO B 116 -26.44 -17.81 -10.65
C PRO B 116 -27.91 -17.95 -10.23
N LEU B 117 -28.75 -17.00 -10.65
CA LEU B 117 -30.23 -17.08 -10.54
C LEU B 117 -30.72 -18.25 -11.41
N GLU B 118 -32.00 -18.64 -11.25
CA GLU B 118 -32.63 -19.81 -11.92
C GLU B 118 -32.30 -19.79 -13.42
N LYS B 119 -32.65 -18.70 -14.12
CA LYS B 119 -32.51 -18.49 -15.58
C LYS B 119 -31.17 -19.05 -16.11
N ASP B 120 -30.07 -18.93 -15.35
CA ASP B 120 -28.68 -19.08 -15.86
C ASP B 120 -27.97 -20.30 -15.25
N ALA B 121 -28.63 -21.08 -14.39
CA ALA B 121 -28.00 -22.19 -13.67
C ALA B 121 -27.96 -23.45 -14.55
N SER B 122 -27.03 -24.37 -14.24
CA SER B 122 -26.81 -25.67 -14.93
C SER B 122 -27.86 -26.68 -14.46
N ASN B 123 -28.27 -26.61 -13.18
CA ASN B 123 -29.32 -27.47 -12.58
C ASN B 123 -29.93 -26.76 -11.38
N LYS B 124 -30.96 -27.36 -10.75
CA LYS B 124 -31.75 -26.70 -9.68
C LYS B 124 -30.94 -26.63 -8.36
N ASN B 125 -29.81 -27.35 -8.24
CA ASN B 125 -28.96 -27.33 -7.01
C ASN B 125 -27.96 -26.16 -7.08
N GLU B 126 -27.59 -25.70 -8.28
CA GLU B 126 -26.67 -24.55 -8.50
C GLU B 126 -27.49 -23.26 -8.70
N ILE B 127 -28.70 -23.19 -8.13
CA ILE B 127 -29.57 -21.98 -8.11
C ILE B 127 -29.23 -21.21 -6.83
N ARG B 128 -29.12 -19.88 -6.92
CA ARG B 128 -28.87 -19.03 -5.73
C ARG B 128 -30.01 -19.25 -4.74
N SER B 129 -29.68 -19.53 -3.48
CA SER B 129 -30.64 -19.69 -2.35
C SER B 129 -31.02 -18.32 -1.79
N GLY B 130 -31.98 -18.31 -0.86
CA GLY B 130 -32.24 -17.16 0.04
C GLY B 130 -31.07 -16.96 0.99
N LEU B 131 -31.13 -15.90 1.80
CA LEU B 131 -30.01 -15.54 2.72
C LEU B 131 -30.15 -16.28 4.08
N GLU B 132 -31.28 -16.95 4.32
CA GLU B 132 -31.65 -17.50 5.64
C GLU B 132 -30.56 -18.43 6.17
N PRO B 133 -30.00 -19.36 5.36
CA PRO B 133 -28.96 -20.29 5.84
C PRO B 133 -27.67 -19.64 6.35
N VAL B 134 -27.38 -18.41 5.93
CA VAL B 134 -26.13 -17.67 6.28
C VAL B 134 -26.12 -17.39 7.79
N ILE B 135 -27.30 -17.25 8.39
CA ILE B 135 -27.48 -17.00 9.86
C ILE B 135 -27.35 -18.33 10.64
N THR B 136 -28.13 -19.35 10.27
CA THR B 136 -28.33 -20.55 11.13
C THR B 136 -27.42 -21.71 10.73
N ASN B 137 -27.14 -21.89 9.44
CA ASN B 137 -26.44 -23.09 8.89
C ASN B 137 -24.93 -22.85 8.96
N SER B 138 -24.41 -22.90 10.18
CA SER B 138 -22.99 -22.64 10.55
C SER B 138 -22.69 -23.51 11.76
N LEU B 139 -21.41 -23.83 11.98
CA LEU B 139 -20.92 -24.42 13.24
C LEU B 139 -21.44 -23.59 14.44
N ASN B 140 -21.49 -22.27 14.28
CA ASN B 140 -21.99 -21.31 15.32
C ASN B 140 -23.28 -20.66 14.80
N ASN B 141 -24.43 -21.16 15.23
CA ASN B 141 -25.77 -20.55 14.93
C ASN B 141 -25.78 -19.12 15.49
N ARG B 142 -26.02 -18.12 14.64
CA ARG B 142 -25.93 -16.67 15.02
C ARG B 142 -27.32 -16.04 15.08
N SER B 143 -28.40 -16.83 15.00
CA SER B 143 -29.79 -16.33 15.18
C SER B 143 -29.99 -15.91 16.65
N ALA B 144 -30.99 -15.08 16.92
CA ALA B 144 -31.33 -14.60 18.28
C ALA B 144 -31.55 -15.82 19.20
N GLU B 145 -32.24 -16.86 18.71
CA GLU B 145 -32.62 -18.06 19.51
C GLU B 145 -31.45 -19.06 19.62
N GLY B 146 -30.45 -18.99 18.72
CA GLY B 146 -29.40 -20.03 18.60
C GLY B 146 -28.02 -19.58 19.06
N LYS B 147 -27.82 -18.28 19.33
CA LYS B 147 -26.46 -17.71 19.54
C LYS B 147 -25.94 -18.03 20.95
N ASN B 148 -26.80 -18.50 21.86
CA ASN B 148 -26.48 -18.63 23.31
C ASN B 148 -25.91 -20.01 23.65
N SER B 149 -26.00 -20.99 22.74
CA SER B 149 -25.33 -22.31 22.89
C SER B 149 -23.80 -22.12 22.83
N GLU B 150 -23.05 -23.12 23.26
CA GLU B 150 -21.56 -23.09 23.29
C GLU B 150 -21.04 -22.74 21.89
N ARG B 151 -20.07 -21.83 21.82
CA ARG B 151 -19.39 -21.38 20.58
C ARG B 151 -18.23 -22.32 20.31
N MET B 152 -17.93 -22.59 19.03
CA MET B 152 -16.79 -23.43 18.62
C MET B 152 -15.80 -22.61 17.78
N ALA B 153 -14.51 -22.73 18.08
CA ALA B 153 -13.40 -22.12 17.31
C ALA B 153 -13.39 -22.71 15.90
N ASN B 154 -13.11 -21.88 14.89
CA ASN B 154 -13.15 -22.30 13.47
C ASN B 154 -12.43 -21.27 12.61
N TYR B 155 -12.06 -21.66 11.39
CA TYR B 155 -11.69 -20.70 10.32
C TYR B 155 -12.69 -20.87 9.17
N ILE B 156 -12.93 -19.77 8.47
CA ILE B 156 -13.90 -19.67 7.35
C ILE B 156 -13.16 -19.06 6.15
N PHE B 157 -13.57 -19.41 4.94
CA PHE B 157 -13.09 -18.78 3.68
C PHE B 157 -14.18 -18.93 2.63
N ILE B 158 -14.11 -18.12 1.57
CA ILE B 158 -15.05 -18.20 0.42
C ILE B 158 -14.34 -18.90 -0.75
N ARG B 159 -13.03 -18.70 -0.90
CA ARG B 159 -12.19 -19.43 -1.89
C ARG B 159 -10.83 -19.75 -1.26
N ALA B 160 -10.10 -20.68 -1.87
CA ALA B 160 -8.74 -21.11 -1.47
C ALA B 160 -8.01 -21.60 -2.72
N HIS B 161 -6.73 -21.95 -2.59
CA HIS B 161 -5.89 -22.44 -3.72
C HIS B 161 -6.59 -23.65 -4.36
N ASP B 162 -7.23 -24.49 -3.54
CA ASP B 162 -7.80 -25.80 -3.93
C ASP B 162 -9.33 -25.76 -3.91
N SER B 163 -9.95 -24.58 -3.92
CA SER B 163 -11.42 -24.44 -3.73
C SER B 163 -11.96 -23.25 -4.52
N GLU B 164 -12.91 -23.52 -5.43
CA GLU B 164 -13.66 -22.52 -6.23
C GLU B 164 -12.73 -21.76 -7.19
N VAL B 165 -11.61 -22.38 -7.61
CA VAL B 165 -10.69 -21.84 -8.66
C VAL B 165 -10.64 -22.82 -9.85
N GLN B 166 -9.96 -23.96 -9.69
CA GLN B 166 -9.81 -25.00 -10.75
C GLN B 166 -11.17 -25.39 -11.35
N THR B 167 -12.20 -25.59 -10.52
CA THR B 167 -13.55 -26.02 -10.97
C THR B 167 -14.14 -24.99 -11.94
N VAL B 168 -13.80 -23.70 -11.78
CA VAL B 168 -14.29 -22.62 -12.67
C VAL B 168 -13.57 -22.73 -14.02
N ILE B 169 -12.24 -22.90 -14.02
CA ILE B 169 -11.50 -22.98 -15.31
C ILE B 169 -11.88 -24.28 -16.02
N ALA B 170 -12.18 -25.36 -15.30
CA ALA B 170 -12.69 -26.63 -15.87
C ALA B 170 -13.95 -26.35 -16.68
N LYS B 171 -14.90 -25.57 -16.14
CA LYS B 171 -16.15 -25.16 -16.84
C LYS B 171 -15.78 -24.42 -18.13
N ILE B 172 -14.83 -23.49 -18.07
CA ILE B 172 -14.44 -22.61 -19.22
C ILE B 172 -13.84 -23.50 -20.33
N ILE B 173 -12.91 -24.38 -19.97
CA ILE B 173 -12.23 -25.29 -20.91
C ILE B 173 -13.27 -26.18 -21.61
N LYS B 174 -14.15 -26.81 -20.83
CA LYS B 174 -15.21 -27.71 -21.36
C LYS B 174 -16.13 -26.92 -22.31
N ALA B 175 -16.45 -25.65 -22.00
CA ALA B 175 -17.44 -24.87 -22.76
C ALA B 175 -16.85 -24.32 -24.06
N GLN B 176 -15.56 -23.93 -24.08
CA GLN B 176 -15.02 -22.98 -25.10
C GLN B 176 -13.67 -23.43 -25.71
N ILE B 177 -12.92 -24.33 -25.08
CA ILE B 177 -11.51 -24.67 -25.48
C ILE B 177 -11.45 -26.13 -25.94
N ASN B 178 -11.98 -27.07 -25.15
CA ASN B 178 -11.85 -28.52 -25.39
C ASN B 178 -13.06 -29.23 -24.79
N PRO B 179 -14.21 -29.28 -25.50
CA PRO B 179 -15.28 -30.19 -25.13
C PRO B 179 -14.64 -31.58 -25.24
N LYS B 180 -14.96 -32.52 -24.35
CA LYS B 180 -14.27 -33.83 -24.27
C LYS B 180 -13.01 -33.72 -23.39
N THR B 181 -12.84 -32.60 -22.68
CA THR B 181 -11.94 -32.52 -21.50
C THR B 181 -12.52 -33.44 -20.43
N ASP B 182 -11.67 -34.10 -19.63
CA ASP B 182 -12.08 -34.98 -18.50
C ASP B 182 -11.85 -34.24 -17.18
N GLY B 183 -11.85 -32.90 -17.19
CA GLY B 183 -11.27 -32.07 -16.11
C GLY B 183 -9.92 -32.61 -15.68
N LEU B 184 -9.45 -32.22 -14.49
CA LEU B 184 -8.32 -32.88 -13.77
C LEU B 184 -6.99 -32.66 -14.49
N THR B 185 -6.83 -33.14 -15.73
CA THR B 185 -5.59 -33.01 -16.54
C THR B 185 -5.78 -31.93 -17.62
N PHE B 186 -4.93 -30.92 -17.63
CA PHE B 186 -4.93 -29.78 -18.61
C PHE B 186 -3.51 -29.53 -19.08
N THR B 187 -3.35 -28.91 -20.25
CA THR B 187 -2.04 -28.41 -20.76
C THR B 187 -1.86 -26.95 -20.32
N LEU B 188 -0.62 -26.47 -20.29
CA LEU B 188 -0.31 -25.06 -19.97
C LEU B 188 -1.02 -24.14 -20.98
N ASP B 189 -1.18 -24.58 -22.24
CA ASP B 189 -1.80 -23.75 -23.30
C ASP B 189 -3.33 -23.68 -23.10
N GLU B 190 -3.95 -24.78 -22.68
CA GLU B 190 -5.39 -24.83 -22.30
C GLU B 190 -5.64 -23.84 -21.15
N LEU B 191 -4.76 -23.85 -20.15
CA LEU B 191 -4.84 -22.98 -18.94
C LEU B 191 -4.75 -21.52 -19.36
N LYS B 192 -3.76 -21.18 -20.19
CA LYS B 192 -3.51 -19.80 -20.69
C LYS B 192 -4.76 -19.30 -21.43
N GLN B 193 -5.36 -20.13 -22.30
CA GLN B 193 -6.56 -19.76 -23.07
C GLN B 193 -7.75 -19.57 -22.12
N ALA B 194 -7.89 -20.45 -21.14
CA ALA B 194 -9.01 -20.43 -20.16
C ALA B 194 -8.90 -19.17 -19.29
N PHE B 195 -7.69 -18.80 -18.86
CA PHE B 195 -7.45 -17.69 -17.91
C PHE B 195 -7.74 -16.34 -18.56
N LYS B 196 -7.58 -16.23 -19.89
CA LYS B 196 -7.94 -15.00 -20.64
C LYS B 196 -9.45 -14.79 -20.49
N ILE B 197 -10.26 -15.84 -20.64
CA ILE B 197 -11.75 -15.76 -20.54
C ILE B 197 -12.14 -15.52 -19.07
N TYR B 198 -11.52 -16.26 -18.15
CA TYR B 198 -11.72 -16.19 -16.67
C TYR B 198 -11.56 -14.74 -16.21
N ASN B 199 -10.44 -14.12 -16.56
CA ASN B 199 -10.08 -12.74 -16.11
C ASN B 199 -11.08 -11.73 -16.69
N GLU B 200 -11.50 -11.88 -17.96
CA GLU B 200 -12.54 -11.02 -18.60
C GLU B 200 -13.87 -11.20 -17.87
N ASP B 201 -14.27 -12.45 -17.61
CA ASP B 201 -15.57 -12.80 -16.99
C ASP B 201 -15.66 -12.20 -15.58
N MET B 202 -14.58 -12.28 -14.80
CA MET B 202 -14.50 -11.77 -13.41
C MET B 202 -14.77 -10.26 -13.37
N ARG B 203 -14.40 -9.52 -14.42
CA ARG B 203 -14.52 -8.03 -14.48
C ARG B 203 -15.89 -7.62 -15.03
N GLN B 204 -16.75 -8.55 -15.45
CA GLN B 204 -18.09 -8.23 -16.02
C GLN B 204 -19.15 -8.15 -14.91
N ALA B 205 -20.24 -7.44 -15.19
CA ALA B 205 -21.49 -7.45 -14.39
C ALA B 205 -22.16 -8.82 -14.49
N LYS B 206 -22.44 -9.26 -15.73
CA LYS B 206 -22.98 -10.60 -16.07
C LYS B 206 -21.82 -11.60 -16.06
N LYS B 207 -21.71 -12.42 -15.01
CA LYS B 207 -20.64 -13.43 -14.85
C LYS B 207 -21.17 -14.78 -15.33
N LYS B 208 -20.58 -15.32 -16.39
CA LYS B 208 -20.94 -16.64 -16.97
C LYS B 208 -20.37 -17.75 -16.09
N TYR B 209 -19.18 -17.54 -15.51
CA TYR B 209 -18.35 -18.60 -14.88
C TYR B 209 -18.00 -18.27 -13.42
N THR B 210 -17.54 -17.04 -13.14
CA THR B 210 -16.92 -16.65 -11.86
C THR B 210 -18.00 -16.30 -10.83
N GLN B 211 -17.58 -16.15 -9.57
CA GLN B 211 -18.48 -16.01 -8.39
C GLN B 211 -19.10 -14.61 -8.35
N SER B 212 -20.41 -14.53 -8.13
CA SER B 212 -21.10 -13.26 -7.80
C SER B 212 -20.84 -12.92 -6.32
N ASN B 213 -20.89 -11.64 -5.98
CA ASN B 213 -20.98 -11.10 -4.59
C ASN B 213 -19.77 -11.52 -3.74
N ILE B 214 -18.55 -11.48 -4.28
CA ILE B 214 -17.32 -11.81 -3.49
C ILE B 214 -17.14 -10.77 -2.39
N PRO B 215 -17.27 -9.44 -2.65
CA PRO B 215 -17.16 -8.45 -1.58
C PRO B 215 -18.17 -8.69 -0.44
N THR B 216 -19.43 -9.02 -0.76
CA THR B 216 -20.47 -9.33 0.25
C THR B 216 -20.02 -10.51 1.11
N ALA B 217 -19.47 -11.56 0.50
CA ALA B 217 -18.97 -12.75 1.23
C ALA B 217 -17.94 -12.30 2.28
N TYR B 218 -17.00 -11.43 1.88
CA TYR B 218 -15.94 -10.92 2.80
C TYR B 218 -16.56 -10.01 3.87
N ALA B 219 -17.54 -9.18 3.53
CA ALA B 219 -18.20 -8.27 4.50
C ALA B 219 -18.80 -9.10 5.65
N LEU B 220 -19.45 -10.22 5.33
CA LEU B 220 -20.11 -11.11 6.33
C LEU B 220 -19.04 -11.87 7.13
N MET B 221 -18.07 -12.51 6.46
CA MET B 221 -17.02 -13.30 7.14
C MET B 221 -16.23 -12.41 8.10
N LEU B 222 -15.80 -11.22 7.64
CA LEU B 222 -14.88 -10.33 8.40
C LEU B 222 -15.60 -9.69 9.58
N SER B 223 -16.93 -9.54 9.54
CA SER B 223 -17.73 -8.92 10.62
C SER B 223 -18.31 -9.99 11.57
N ASN B 224 -18.19 -11.28 11.25
CA ASN B 224 -18.79 -12.39 12.06
C ASN B 224 -18.00 -12.56 13.37
N LYS B 225 -18.72 -12.74 14.47
CA LYS B 225 -18.16 -13.10 15.79
C LYS B 225 -17.94 -14.61 15.82
N ASP B 226 -16.93 -15.08 16.55
CA ASP B 226 -16.62 -16.51 16.77
C ASP B 226 -16.20 -17.15 15.44
N SER B 227 -15.17 -16.59 14.82
CA SER B 227 -14.57 -17.07 13.55
C SER B 227 -13.26 -16.34 13.25
N ILE B 228 -12.35 -17.05 12.60
CA ILE B 228 -11.14 -16.47 11.94
C ILE B 228 -11.36 -16.57 10.42
N THR B 229 -11.19 -15.48 9.69
CA THR B 229 -11.25 -15.49 8.21
C THR B 229 -9.87 -15.89 7.67
N ARG B 230 -9.84 -16.74 6.63
CA ARG B 230 -8.63 -16.95 5.80
C ARG B 230 -8.85 -16.21 4.47
N LEU B 231 -8.18 -15.05 4.34
CA LEU B 231 -8.13 -14.23 3.09
C LEU B 231 -7.37 -15.04 2.03
N TYR B 232 -7.93 -15.13 0.82
CA TYR B 232 -7.30 -15.82 -0.33
C TYR B 232 -6.57 -14.80 -1.22
N TYR B 233 -5.29 -15.05 -1.50
CA TYR B 233 -4.42 -14.30 -2.44
C TYR B 233 -5.20 -13.94 -3.71
N GLY B 234 -5.91 -14.91 -4.29
CA GLY B 234 -6.59 -14.81 -5.60
C GLY B 234 -7.86 -13.96 -5.54
N ASP B 235 -8.26 -13.49 -4.35
CA ASP B 235 -9.41 -12.56 -4.20
C ASP B 235 -8.88 -11.11 -4.18
N MET B 236 -7.59 -10.92 -3.89
CA MET B 236 -6.90 -9.61 -3.90
C MET B 236 -6.15 -9.40 -5.22
N TYR B 237 -5.62 -10.47 -5.81
CA TYR B 237 -4.79 -10.46 -7.05
C TYR B 237 -5.30 -11.53 -8.03
N SER B 238 -4.86 -11.48 -9.28
CA SER B 238 -5.19 -12.48 -10.32
C SER B 238 -4.64 -13.85 -9.91
N ASP B 239 -5.42 -14.90 -10.16
CA ASP B 239 -5.06 -16.32 -9.86
C ASP B 239 -3.91 -16.77 -10.78
N ASP B 240 -3.75 -16.12 -11.94
CA ASP B 240 -2.64 -16.38 -12.91
C ASP B 240 -1.71 -15.16 -12.92
N GLY B 241 -0.73 -15.16 -13.82
CA GLY B 241 0.24 -14.06 -13.97
C GLY B 241 1.28 -14.11 -12.87
N GLN B 242 2.19 -13.14 -12.85
CA GLN B 242 3.28 -13.05 -11.85
C GLN B 242 2.68 -12.65 -10.50
N TYR B 243 3.38 -12.99 -9.41
CA TYR B 243 2.91 -12.80 -8.03
C TYR B 243 2.68 -11.32 -7.74
N MET B 244 1.43 -10.95 -7.41
CA MET B 244 1.00 -9.59 -6.95
C MET B 244 1.18 -8.57 -8.09
N ALA B 245 1.27 -9.01 -9.34
CA ALA B 245 1.49 -8.13 -10.52
C ALA B 245 0.18 -7.43 -10.90
N THR B 246 -0.96 -8.11 -10.80
CA THR B 246 -2.27 -7.54 -11.21
C THR B 246 -3.27 -7.71 -10.07
N LYS B 247 -3.90 -6.61 -9.67
CA LYS B 247 -4.96 -6.60 -8.63
C LYS B 247 -6.22 -7.28 -9.19
N SER B 248 -6.95 -7.95 -8.32
CA SER B 248 -8.34 -8.41 -8.58
C SER B 248 -9.23 -7.17 -8.70
N PRO B 249 -10.37 -7.24 -9.42
CA PRO B 249 -11.36 -6.16 -9.37
C PRO B 249 -11.93 -5.89 -7.96
N TYR B 250 -11.77 -6.83 -7.03
CA TYR B 250 -12.38 -6.77 -5.68
C TYR B 250 -11.39 -6.20 -4.65
N TYR B 251 -10.14 -5.91 -5.04
CA TYR B 251 -9.05 -5.45 -4.14
C TYR B 251 -9.53 -4.30 -3.25
N ASP B 252 -10.05 -3.24 -3.85
CA ASP B 252 -10.39 -1.97 -3.15
C ASP B 252 -11.49 -2.22 -2.10
N ALA B 253 -12.56 -2.93 -2.47
CA ALA B 253 -13.67 -3.26 -1.55
C ALA B 253 -13.15 -4.11 -0.39
N ILE B 254 -12.37 -5.16 -0.66
CA ILE B 254 -11.93 -6.10 0.41
C ILE B 254 -10.92 -5.37 1.32
N ASP B 255 -10.01 -4.58 0.75
CA ASP B 255 -9.07 -3.72 1.49
C ASP B 255 -9.84 -2.81 2.46
N THR B 256 -10.93 -2.19 2.00
CA THR B 256 -11.82 -1.33 2.84
C THR B 256 -12.37 -2.14 4.02
N LEU B 257 -12.84 -3.36 3.76
CA LEU B 257 -13.48 -4.23 4.79
C LEU B 257 -12.41 -4.72 5.77
N LEU B 258 -11.21 -5.04 5.30
CA LEU B 258 -10.10 -5.55 6.16
C LEU B 258 -9.68 -4.46 7.17
N LYS B 259 -9.51 -3.23 6.71
CA LYS B 259 -9.13 -2.07 7.57
C LYS B 259 -10.25 -1.78 8.58
N ALA B 260 -11.52 -1.81 8.15
CA ALA B 260 -12.72 -1.54 8.97
C ALA B 260 -12.87 -2.60 10.09
N ARG B 261 -12.60 -3.86 9.81
CA ARG B 261 -12.65 -4.96 10.82
C ARG B 261 -11.75 -4.58 12.02
N ILE B 262 -10.51 -4.16 11.77
CA ILE B 262 -9.52 -3.79 12.83
C ILE B 262 -10.11 -2.64 13.66
N LYS B 263 -10.76 -1.69 13.00
CA LYS B 263 -11.20 -0.40 13.58
C LYS B 263 -12.53 -0.55 14.33
N TYR B 264 -13.45 -1.41 13.88
CA TYR B 264 -14.86 -1.36 14.34
C TYR B 264 -15.41 -2.69 14.88
N ALA B 265 -14.88 -3.86 14.49
CA ALA B 265 -15.52 -5.19 14.70
C ALA B 265 -15.24 -5.73 16.10
N ALA B 266 -16.16 -5.50 17.03
CA ALA B 266 -16.00 -5.92 18.45
C ALA B 266 -17.36 -6.02 19.13
N GLY B 267 -17.38 -6.64 20.30
CA GLY B 267 -18.60 -6.84 21.11
C GLY B 267 -19.53 -7.86 20.48
N GLY B 268 -20.79 -7.87 20.92
CA GLY B 268 -21.82 -8.84 20.51
C GLY B 268 -22.22 -8.69 19.05
N GLN B 269 -23.02 -9.64 18.56
CA GLN B 269 -23.51 -9.70 17.17
C GLN B 269 -24.98 -10.13 17.17
N ASP B 270 -25.79 -9.50 16.33
CA ASP B 270 -27.14 -10.02 15.97
C ASP B 270 -27.30 -9.98 14.45
N MET B 271 -27.95 -11.00 13.90
CA MET B 271 -28.26 -11.12 12.45
C MET B 271 -29.76 -11.34 12.29
N LYS B 272 -30.34 -10.74 11.27
CA LYS B 272 -31.81 -10.74 11.05
C LYS B 272 -32.06 -10.54 9.55
N ILE B 273 -33.13 -11.15 9.03
CA ILE B 273 -33.63 -10.91 7.66
C ILE B 273 -34.97 -10.19 7.76
N THR B 274 -35.12 -9.09 7.02
CA THR B 274 -36.37 -8.32 6.83
C THR B 274 -36.92 -8.66 5.44
N TYR B 275 -38.16 -9.13 5.36
CA TYR B 275 -38.87 -9.36 4.08
C TYR B 275 -39.67 -8.08 3.77
N VAL B 276 -39.10 -7.24 2.89
CA VAL B 276 -39.84 -6.07 2.33
C VAL B 276 -40.92 -6.62 1.41
N GLU B 277 -42.01 -5.88 1.24
CA GLU B 277 -43.13 -6.24 0.33
C GLU B 277 -42.61 -6.27 -1.11
N GLY B 278 -41.90 -5.21 -1.51
CA GLY B 278 -41.29 -5.05 -2.84
C GLY B 278 -42.29 -4.57 -3.87
N ASP B 279 -41.81 -4.06 -5.02
CA ASP B 279 -42.56 -3.82 -6.26
C ASP B 279 -42.27 -5.01 -7.19
N LYS B 280 -43.05 -6.09 -7.07
CA LYS B 280 -42.82 -7.43 -7.68
C LYS B 280 -42.97 -7.35 -9.21
N SER B 281 -43.94 -6.54 -9.67
CA SER B 281 -44.26 -6.31 -11.10
C SER B 281 -42.99 -5.86 -11.86
N HIS B 282 -42.07 -5.19 -11.16
CA HIS B 282 -40.79 -4.66 -11.71
C HIS B 282 -39.60 -5.48 -11.21
N MET B 283 -39.82 -6.75 -10.84
CA MET B 283 -38.78 -7.69 -10.34
C MET B 283 -38.85 -8.98 -11.14
N ASP B 284 -37.72 -9.67 -11.31
CA ASP B 284 -37.65 -11.02 -11.96
C ASP B 284 -37.80 -12.07 -10.85
N TRP B 285 -36.70 -12.44 -10.19
CA TRP B 285 -36.71 -13.27 -8.95
C TRP B 285 -37.47 -12.49 -7.86
N ASP B 286 -38.41 -13.14 -7.16
CA ASP B 286 -39.37 -12.44 -6.26
C ASP B 286 -38.83 -12.35 -4.82
N TYR B 287 -37.61 -12.84 -4.54
CA TYR B 287 -37.02 -12.86 -3.18
C TYR B 287 -36.78 -11.42 -2.68
N THR B 288 -37.38 -11.07 -1.54
CA THR B 288 -37.36 -9.71 -0.94
C THR B 288 -36.62 -9.71 0.40
N GLY B 289 -35.84 -10.76 0.70
CA GLY B 289 -35.07 -10.85 1.95
C GLY B 289 -33.91 -9.87 1.96
N VAL B 290 -33.79 -9.10 3.03
CA VAL B 290 -32.64 -8.18 3.26
C VAL B 290 -31.98 -8.60 4.58
N LEU B 291 -30.76 -9.10 4.53
CA LEU B 291 -29.97 -9.49 5.72
C LEU B 291 -29.32 -8.25 6.35
N THR B 292 -29.40 -8.12 7.68
CA THR B 292 -28.60 -7.15 8.47
C THR B 292 -27.75 -7.93 9.47
N SER B 293 -26.49 -7.51 9.65
CA SER B 293 -25.55 -8.07 10.67
C SER B 293 -24.94 -6.89 11.43
N VAL B 294 -25.15 -6.84 12.75
CA VAL B 294 -24.70 -5.72 13.64
C VAL B 294 -23.64 -6.25 14.62
N ARG B 295 -22.56 -5.48 14.84
CA ARG B 295 -21.63 -5.62 15.99
C ARG B 295 -21.83 -4.40 16.91
N TYR B 296 -21.84 -4.58 18.23
CA TYR B 296 -22.25 -3.56 19.22
C TYR B 296 -21.05 -2.75 19.71
N GLY B 297 -19.83 -3.26 19.57
CA GLY B 297 -18.60 -2.60 20.06
C GLY B 297 -18.23 -3.09 21.44
N THR B 298 -16.96 -2.90 21.84
CA THR B 298 -16.37 -3.46 23.07
C THR B 298 -17.24 -3.08 24.28
N GLY B 299 -17.60 -4.06 25.11
CA GLY B 299 -18.32 -3.86 26.39
C GLY B 299 -19.82 -4.09 26.29
N ALA B 300 -20.36 -4.30 25.08
CA ALA B 300 -21.79 -4.59 24.82
C ALA B 300 -21.91 -5.93 24.09
N ASN B 301 -22.56 -6.91 24.71
CA ASN B 301 -22.77 -8.28 24.16
C ASN B 301 -24.15 -8.43 23.54
N GLU B 302 -25.11 -7.56 23.91
CA GLU B 302 -26.53 -7.67 23.50
C GLU B 302 -27.07 -6.28 23.15
N ALA B 303 -28.18 -6.25 22.41
CA ALA B 303 -28.88 -5.03 21.95
C ALA B 303 -29.25 -4.14 23.14
N THR B 304 -29.44 -4.72 24.33
CA THR B 304 -29.95 -4.01 25.54
C THR B 304 -28.79 -3.53 26.42
N ASP B 305 -27.54 -3.95 26.16
CA ASP B 305 -26.36 -3.56 26.98
C ASP B 305 -26.03 -2.08 26.74
N GLN B 306 -25.70 -1.35 27.81
CA GLN B 306 -25.43 0.12 27.79
C GLN B 306 -24.06 0.43 27.18
N GLY B 307 -23.07 -0.43 27.45
CA GLY B 307 -21.65 -0.14 27.17
C GLY B 307 -21.16 1.06 27.97
N SER B 308 -20.21 1.81 27.41
CA SER B 308 -19.49 2.95 28.02
C SER B 308 -19.08 3.91 26.90
N GLU B 309 -18.35 4.98 27.21
CA GLU B 309 -17.94 5.99 26.19
C GLU B 309 -17.01 5.34 25.16
N ALA B 310 -16.22 4.32 25.53
CA ALA B 310 -15.29 3.61 24.62
C ALA B 310 -16.08 2.87 23.53
N THR B 311 -17.27 2.38 23.88
CA THR B 311 -18.08 1.51 22.99
C THR B 311 -18.74 2.37 21.90
N LYS B 312 -18.83 3.69 22.08
CA LYS B 312 -19.62 4.61 21.22
C LYS B 312 -19.08 4.62 19.78
N THR B 313 -17.75 4.65 19.59
CA THR B 313 -17.13 4.76 18.23
C THR B 313 -16.71 3.37 17.73
N GLN B 314 -17.35 2.31 18.26
CA GLN B 314 -17.10 0.90 17.84
C GLN B 314 -18.43 0.29 17.38
N GLY B 315 -18.34 -0.90 16.77
CA GLY B 315 -19.50 -1.59 16.16
C GLY B 315 -19.70 -1.16 14.72
N MET B 316 -20.61 -1.83 14.01
CA MET B 316 -20.90 -1.61 12.57
C MET B 316 -22.17 -2.36 12.18
N ALA B 317 -22.71 -2.01 11.02
CA ALA B 317 -23.87 -2.68 10.38
C ALA B 317 -23.49 -3.05 8.94
N VAL B 318 -23.74 -4.29 8.54
CA VAL B 318 -23.73 -4.79 7.13
C VAL B 318 -25.19 -5.02 6.72
N ILE B 319 -25.59 -4.48 5.58
CA ILE B 319 -26.94 -4.64 4.97
C ILE B 319 -26.72 -5.24 3.58
N THR B 320 -27.39 -6.34 3.25
CA THR B 320 -27.18 -7.00 1.94
C THR B 320 -28.49 -7.64 1.43
N SER B 321 -28.71 -7.50 0.13
CA SER B 321 -29.61 -8.35 -0.69
C SER B 321 -28.75 -9.14 -1.68
N ASN B 322 -29.20 -10.34 -2.04
CA ASN B 322 -28.58 -11.21 -3.06
C ASN B 322 -29.46 -11.22 -4.32
N ASN B 323 -30.37 -10.25 -4.47
CA ASN B 323 -31.32 -10.20 -5.61
C ASN B 323 -31.06 -8.96 -6.46
N PRO B 324 -30.43 -9.10 -7.65
CA PRO B 324 -30.06 -7.94 -8.48
C PRO B 324 -31.23 -7.05 -8.96
N SER B 325 -32.48 -7.55 -8.92
CA SER B 325 -33.67 -6.80 -9.40
C SER B 325 -34.56 -6.34 -8.24
N LEU B 326 -34.11 -6.48 -6.97
CA LEU B 326 -34.87 -6.03 -5.79
C LEU B 326 -35.28 -4.56 -5.98
N LYS B 327 -36.58 -4.27 -5.80
CA LYS B 327 -37.11 -2.89 -5.69
C LYS B 327 -38.06 -2.83 -4.50
N LEU B 328 -37.78 -1.93 -3.55
CA LEU B 328 -38.68 -1.62 -2.42
C LEU B 328 -39.82 -0.76 -2.97
N ASN B 329 -41.06 -0.99 -2.54
CA ASN B 329 -42.16 -0.03 -2.87
C ASN B 329 -41.94 1.16 -1.92
N GLN B 330 -42.69 2.25 -2.09
CA GLN B 330 -42.33 3.57 -1.52
C GLN B 330 -42.51 3.60 0.01
N ASN B 331 -43.21 2.62 0.60
CA ASN B 331 -43.48 2.61 2.06
C ASN B 331 -42.64 1.53 2.76
N ASP B 332 -41.83 0.75 2.02
CA ASP B 332 -40.97 -0.31 2.61
C ASP B 332 -39.84 0.30 3.45
N LYS B 333 -39.56 -0.28 4.62
CA LYS B 333 -38.47 0.13 5.53
C LYS B 333 -37.64 -1.10 5.93
N VAL B 334 -36.33 -0.93 6.10
CA VAL B 334 -35.43 -1.89 6.79
C VAL B 334 -34.89 -1.17 8.04
N ILE B 335 -35.26 -1.66 9.22
CA ILE B 335 -34.83 -1.12 10.54
C ILE B 335 -33.58 -1.90 10.99
N VAL B 336 -32.49 -1.22 11.29
CA VAL B 336 -31.25 -1.85 11.82
C VAL B 336 -31.03 -1.34 13.25
N ASN B 337 -31.19 -2.21 14.25
CA ASN B 337 -31.04 -1.86 15.68
C ASN B 337 -29.53 -1.90 16.02
N MET B 338 -28.92 -0.73 16.18
CA MET B 338 -27.46 -0.60 16.48
C MET B 338 -27.21 -0.83 17.97
N GLY B 339 -28.28 -0.86 18.79
CA GLY B 339 -28.20 -1.18 20.24
C GLY B 339 -28.46 0.02 21.13
N THR B 340 -28.79 -0.23 22.40
CA THR B 340 -29.06 0.81 23.44
C THR B 340 -27.77 1.58 23.75
N ALA B 341 -26.60 1.02 23.40
CA ALA B 341 -25.29 1.71 23.53
C ALA B 341 -25.12 2.78 22.44
N HIS B 342 -26.05 2.92 21.49
CA HIS B 342 -25.87 3.77 20.27
C HIS B 342 -27.13 4.59 19.97
N LYS B 343 -27.81 5.07 21.02
CA LYS B 343 -28.99 5.96 20.91
C LYS B 343 -28.53 7.34 20.45
N ASN B 344 -29.32 7.99 19.61
CA ASN B 344 -29.14 9.42 19.21
C ASN B 344 -27.69 9.65 18.78
N GLN B 345 -27.20 8.81 17.86
CA GLN B 345 -25.77 8.78 17.46
C GLN B 345 -25.64 8.83 15.93
N GLU B 346 -24.62 9.55 15.46
CA GLU B 346 -24.33 9.78 14.02
C GLU B 346 -23.61 8.56 13.45
N TYR B 347 -24.11 8.04 12.32
CA TYR B 347 -23.46 6.96 11.53
C TYR B 347 -23.15 7.52 10.14
N ARG B 348 -22.09 7.00 9.53
CA ARG B 348 -21.72 7.35 8.14
C ARG B 348 -21.39 6.06 7.39
N PRO B 349 -21.57 6.05 6.05
CA PRO B 349 -21.28 4.86 5.25
C PRO B 349 -19.77 4.63 5.12
N LEU B 350 -19.36 3.36 5.19
CA LEU B 350 -18.00 2.88 4.84
C LEU B 350 -18.00 2.42 3.37
N LEU B 351 -19.04 1.68 2.95
CA LEU B 351 -19.23 1.07 1.59
C LEU B 351 -20.69 1.25 1.17
N LEU B 352 -20.94 1.73 -0.05
CA LEU B 352 -22.31 1.80 -0.64
C LEU B 352 -22.25 1.23 -2.07
N THR B 353 -23.30 0.51 -2.47
CA THR B 353 -23.47 0.00 -3.85
C THR B 353 -24.08 1.10 -4.71
N THR B 354 -23.54 1.29 -5.92
CA THR B 354 -24.11 2.19 -6.96
C THR B 354 -24.29 1.39 -8.25
N LYS B 355 -24.78 2.04 -9.30
CA LYS B 355 -24.97 1.43 -10.64
C LYS B 355 -23.67 0.77 -11.12
N ASP B 356 -22.52 1.36 -10.78
CA ASP B 356 -21.20 1.02 -11.39
C ASP B 356 -20.40 0.04 -10.53
N GLY B 357 -20.58 0.03 -9.21
CA GLY B 357 -19.82 -0.84 -8.30
C GLY B 357 -20.03 -0.50 -6.84
N LEU B 358 -18.93 -0.32 -6.12
CA LEU B 358 -18.91 -0.01 -4.66
C LEU B 358 -18.12 1.29 -4.44
N THR B 359 -18.72 2.28 -3.81
CA THR B 359 -18.04 3.51 -3.34
C THR B 359 -17.55 3.28 -1.92
N SER B 360 -16.25 3.40 -1.68
CA SER B 360 -15.65 3.30 -0.33
C SER B 360 -15.40 4.73 0.20
N TYR B 361 -15.61 4.95 1.50
CA TYR B 361 -15.41 6.27 2.18
C TYR B 361 -14.30 6.11 3.22
N THR B 362 -13.16 6.80 3.03
CA THR B 362 -11.90 6.54 3.78
C THR B 362 -11.89 7.35 5.08
N SER B 363 -12.86 8.23 5.31
CA SER B 363 -12.97 9.09 6.51
C SER B 363 -14.42 9.50 6.75
N ASP B 364 -14.73 10.00 7.94
CA ASP B 364 -16.06 10.58 8.28
C ASP B 364 -16.36 11.76 7.35
N ALA B 365 -15.38 12.64 7.13
CA ALA B 365 -15.55 13.90 6.34
C ALA B 365 -15.87 13.57 4.87
N ALA B 366 -15.28 12.53 4.31
CA ALA B 366 -15.55 12.06 2.92
C ALA B 366 -17.05 11.75 2.75
N ALA B 367 -17.80 11.50 3.83
CA ALA B 367 -19.21 11.08 3.80
C ALA B 367 -20.10 12.01 4.64
N LYS B 368 -19.59 13.16 5.10
CA LYS B 368 -20.45 14.23 5.69
C LYS B 368 -21.57 14.43 4.68
N SER B 369 -22.79 14.77 5.09
CA SER B 369 -23.93 14.96 4.14
C SER B 369 -24.64 13.64 3.91
N LEU B 370 -23.95 12.50 4.05
CA LEU B 370 -24.57 11.14 4.09
C LEU B 370 -24.73 10.68 5.54
N TYR B 371 -24.29 11.46 6.52
CA TYR B 371 -24.47 11.17 7.97
C TYR B 371 -25.94 10.83 8.24
N ARG B 372 -26.19 9.78 9.01
CA ARG B 372 -27.55 9.41 9.49
C ARG B 372 -27.52 9.18 10.99
N LYS B 373 -28.54 9.64 11.70
CA LYS B 373 -28.62 9.66 13.18
C LYS B 373 -29.61 8.57 13.63
N THR B 374 -29.18 7.69 14.54
CA THR B 374 -30.07 6.70 15.20
C THR B 374 -31.11 7.45 16.03
N ASN B 375 -32.30 6.86 16.16
CA ASN B 375 -33.39 7.38 17.04
C ASN B 375 -33.06 7.03 18.50
N ASP B 376 -34.01 7.28 19.40
CA ASP B 376 -33.88 7.13 20.88
C ASP B 376 -33.84 5.64 21.27
N LYS B 377 -34.09 4.73 20.32
CA LYS B 377 -34.03 3.25 20.52
C LYS B 377 -32.73 2.68 19.93
N GLY B 378 -31.93 3.50 19.25
CA GLY B 378 -30.66 3.10 18.61
C GLY B 378 -30.85 2.50 17.21
N GLU B 379 -31.93 2.84 16.52
CA GLU B 379 -32.28 2.30 15.18
C GLU B 379 -31.87 3.28 14.06
N LEU B 380 -31.23 2.76 13.00
CA LEU B 380 -31.16 3.38 11.65
C LEU B 380 -32.32 2.85 10.81
N VAL B 381 -32.91 3.68 9.97
CA VAL B 381 -34.04 3.31 9.05
C VAL B 381 -33.61 3.59 7.62
N PHE B 382 -33.70 2.56 6.76
CA PHE B 382 -33.38 2.61 5.31
C PHE B 382 -34.67 2.37 4.52
N ASP B 383 -34.81 3.03 3.37
CA ASP B 383 -36.01 2.93 2.50
C ASP B 383 -35.57 2.75 1.05
N ALA B 384 -36.50 2.94 0.10
CA ALA B 384 -36.33 2.70 -1.35
C ALA B 384 -35.18 3.56 -1.91
N SER B 385 -34.95 4.76 -1.35
CA SER B 385 -33.88 5.69 -1.80
C SER B 385 -32.49 5.17 -1.39
N ASP B 386 -32.42 4.22 -0.45
CA ASP B 386 -31.14 3.64 0.05
C ASP B 386 -30.88 2.28 -0.60
N ILE B 387 -31.87 1.40 -0.56
CA ILE B 387 -31.73 -0.04 -0.89
C ILE B 387 -32.48 -0.34 -2.18
N GLN B 388 -31.73 -0.90 -3.13
CA GLN B 388 -32.19 -1.24 -4.49
C GLN B 388 -31.26 -2.34 -4.99
N GLY B 389 -31.77 -3.31 -5.74
CA GLY B 389 -30.94 -4.32 -6.43
C GLY B 389 -30.13 -3.68 -7.55
N TYR B 390 -28.85 -4.04 -7.65
CA TYR B 390 -27.97 -3.65 -8.79
C TYR B 390 -27.32 -4.91 -9.35
N LEU B 391 -26.97 -4.87 -10.64
CA LEU B 391 -26.08 -5.87 -11.28
C LEU B 391 -24.85 -5.12 -11.80
N ASN B 392 -23.72 -5.27 -11.14
CA ASN B 392 -22.45 -4.62 -11.54
C ASN B 392 -21.33 -5.59 -11.20
N PRO B 393 -20.08 -5.33 -11.63
CA PRO B 393 -18.98 -6.26 -11.39
C PRO B 393 -18.79 -6.67 -9.92
N GLN B 394 -19.13 -5.77 -8.99
CA GLN B 394 -18.86 -5.92 -7.53
C GLN B 394 -20.04 -6.65 -6.85
N VAL B 395 -21.27 -6.41 -7.30
CA VAL B 395 -22.49 -6.76 -6.52
C VAL B 395 -23.58 -7.28 -7.47
N SER B 396 -24.24 -8.37 -7.08
CA SER B 396 -25.52 -8.87 -7.64
C SER B 396 -26.56 -8.83 -6.51
N GLY B 397 -27.26 -7.70 -6.39
CA GLY B 397 -28.09 -7.35 -5.22
C GLY B 397 -27.67 -6.00 -4.67
N TYR B 398 -27.41 -5.93 -3.35
CA TYR B 398 -27.08 -4.67 -2.64
C TYR B 398 -26.13 -4.96 -1.48
N LEU B 399 -25.14 -4.10 -1.28
CA LEU B 399 -24.21 -4.14 -0.12
C LEU B 399 -23.98 -2.73 0.41
N ALA B 400 -24.23 -2.54 1.72
CA ALA B 400 -23.85 -1.34 2.48
C ALA B 400 -23.18 -1.77 3.78
N VAL B 401 -22.17 -1.02 4.20
CA VAL B 401 -21.55 -1.11 5.55
C VAL B 401 -21.59 0.28 6.16
N TRP B 402 -22.15 0.39 7.37
CA TRP B 402 -22.27 1.67 8.12
C TRP B 402 -21.46 1.58 9.41
N VAL B 403 -20.78 2.67 9.76
CA VAL B 403 -19.89 2.76 10.96
C VAL B 403 -20.25 4.01 11.75
N PRO B 404 -20.07 3.99 13.08
CA PRO B 404 -20.30 5.18 13.91
C PRO B 404 -19.25 6.26 13.62
N VAL B 405 -19.70 7.51 13.55
CA VAL B 405 -18.84 8.71 13.36
C VAL B 405 -17.96 8.89 14.60
N GLY B 406 -16.68 9.22 14.40
CA GLY B 406 -15.80 9.80 15.44
C GLY B 406 -14.64 8.91 15.84
N ALA B 407 -14.45 7.76 15.21
CA ALA B 407 -13.31 6.86 15.51
C ALA B 407 -12.00 7.61 15.22
N SER B 408 -10.99 7.45 16.07
CA SER B 408 -9.61 7.94 15.81
C SER B 408 -9.03 7.17 14.62
N ASP B 409 -8.12 7.80 13.87
CA ASP B 409 -7.55 7.25 12.61
C ASP B 409 -7.00 5.84 12.87
N ASN B 410 -6.35 5.63 14.01
CA ASN B 410 -5.62 4.36 14.31
C ASN B 410 -6.32 3.57 15.43
N GLN B 411 -7.63 3.79 15.64
CA GLN B 411 -8.49 2.98 16.56
C GLN B 411 -8.35 1.50 16.18
N ASP B 412 -8.07 0.63 17.17
CA ASP B 412 -7.80 -0.82 16.99
C ASP B 412 -8.50 -1.58 18.12
N VAL B 413 -9.56 -2.34 17.80
CA VAL B 413 -10.47 -2.97 18.81
C VAL B 413 -10.08 -4.45 19.02
N ARG B 414 -8.93 -4.89 18.50
CA ARG B 414 -8.47 -6.30 18.64
C ARG B 414 -7.98 -6.53 20.08
N VAL B 415 -8.04 -7.79 20.54
CA VAL B 415 -7.76 -8.22 21.94
C VAL B 415 -6.54 -9.14 21.93
N ALA B 416 -5.63 -8.95 22.90
CA ALA B 416 -4.45 -9.82 23.13
C ALA B 416 -4.88 -11.16 23.74
N ALA B 417 -4.07 -12.20 23.55
CA ALA B 417 -4.31 -13.58 24.03
C ALA B 417 -4.19 -13.64 25.56
N SER B 418 -5.08 -14.39 26.21
CA SER B 418 -5.06 -14.65 27.68
C SER B 418 -3.84 -15.52 28.03
N ASN B 419 -3.26 -15.29 29.20
CA ASN B 419 -2.12 -16.08 29.76
C ASN B 419 -2.65 -17.30 30.52
N LYS B 420 -3.98 -17.40 30.71
CA LYS B 420 -4.64 -18.49 31.48
C LYS B 420 -4.99 -19.67 30.56
N ALA B 421 -5.05 -20.88 31.12
CA ALA B 421 -5.55 -22.10 30.44
C ALA B 421 -7.07 -21.96 30.27
N ASN B 422 -7.60 -22.47 29.16
CA ASN B 422 -9.06 -22.46 28.86
C ASN B 422 -9.76 -23.38 29.88
N ALA B 423 -10.83 -22.89 30.51
CA ALA B 423 -11.65 -23.65 31.49
C ALA B 423 -12.14 -24.96 30.86
N THR B 424 -12.50 -24.93 29.57
CA THR B 424 -13.11 -26.05 28.82
C THR B 424 -12.06 -27.14 28.51
N GLY B 425 -10.76 -26.82 28.60
CA GLY B 425 -9.65 -27.76 28.32
C GLY B 425 -9.39 -27.97 26.83
N GLN B 426 -10.10 -27.25 25.95
CA GLN B 426 -9.83 -27.24 24.49
C GLN B 426 -8.57 -26.40 24.23
N VAL B 427 -7.76 -26.76 23.23
CA VAL B 427 -6.60 -25.94 22.75
C VAL B 427 -7.14 -24.59 22.24
N TYR B 428 -8.16 -24.61 21.40
CA TYR B 428 -8.81 -23.40 20.83
C TYR B 428 -10.24 -23.29 21.36
N GLU B 429 -10.43 -22.34 22.27
CA GLU B 429 -11.75 -21.87 22.77
C GLU B 429 -12.09 -20.59 22.01
N SER B 430 -13.31 -20.47 21.48
CA SER B 430 -13.75 -19.24 20.75
C SER B 430 -13.72 -18.06 21.74
N SER B 431 -13.10 -16.95 21.33
CA SER B 431 -12.92 -15.74 22.17
C SER B 431 -12.66 -14.53 21.26
N SER B 432 -12.75 -13.32 21.84
CA SER B 432 -12.40 -12.05 21.16
C SER B 432 -10.92 -12.06 20.76
N ALA B 433 -10.04 -12.65 21.57
CA ALA B 433 -8.60 -12.81 21.25
C ALA B 433 -8.42 -13.66 20.00
N LEU B 434 -9.14 -14.79 19.90
CA LEU B 434 -9.04 -15.70 18.74
C LEU B 434 -9.63 -15.02 17.50
N ASP B 435 -10.76 -14.32 17.65
CA ASP B 435 -11.42 -13.53 16.57
C ASP B 435 -10.46 -12.45 16.03
N SER B 436 -9.47 -12.02 16.81
CA SER B 436 -8.50 -10.96 16.44
C SER B 436 -7.45 -11.47 15.47
N GLN B 437 -7.34 -12.80 15.29
CA GLN B 437 -6.40 -13.43 14.32
C GLN B 437 -7.04 -13.41 12.93
N LEU B 438 -6.21 -13.28 11.89
CA LEU B 438 -6.62 -13.40 10.47
C LEU B 438 -5.49 -14.11 9.70
N ILE B 439 -5.86 -15.14 8.95
CA ILE B 439 -4.92 -15.98 8.13
C ILE B 439 -4.97 -15.47 6.68
N TYR B 440 -3.82 -15.42 6.03
CA TYR B 440 -3.69 -15.09 4.58
C TYR B 440 -3.12 -16.32 3.87
N GLU B 441 -3.91 -16.90 2.95
CA GLU B 441 -3.40 -17.93 2.01
C GLU B 441 -2.71 -17.21 0.85
N GLY B 442 -1.39 -17.13 0.90
CA GLY B 442 -0.57 -16.20 0.10
C GLY B 442 0.00 -16.85 -1.15
N PHE B 443 -0.78 -17.64 -1.86
CA PHE B 443 -0.40 -18.25 -3.16
C PHE B 443 -1.64 -18.71 -3.91
N SER B 444 -1.51 -18.89 -5.23
CA SER B 444 -2.46 -19.57 -6.14
C SER B 444 -1.73 -20.73 -6.83
N ASN B 445 -2.43 -21.84 -7.07
CA ASN B 445 -1.94 -22.99 -7.89
C ASN B 445 -1.48 -22.49 -9.27
N PHE B 446 -2.19 -21.52 -9.85
CA PHE B 446 -2.10 -21.15 -11.29
C PHE B 446 -1.19 -19.92 -11.50
N GLN B 447 -0.38 -19.54 -10.51
CA GLN B 447 0.67 -18.52 -10.70
C GLN B 447 1.51 -18.91 -11.93
N ASP B 448 1.90 -17.93 -12.75
CA ASP B 448 2.83 -18.15 -13.89
C ASP B 448 4.22 -18.45 -13.32
N PHE B 449 5.04 -19.18 -14.08
CA PHE B 449 6.48 -19.35 -13.81
C PHE B 449 7.17 -18.00 -14.01
N VAL B 450 8.25 -17.74 -13.28
CA VAL B 450 8.98 -16.44 -13.32
C VAL B 450 9.67 -16.30 -14.68
N THR B 451 9.81 -15.06 -15.15
CA THR B 451 10.57 -14.65 -16.35
C THR B 451 11.95 -14.17 -15.91
N LYS B 452 12.01 -13.48 -14.77
CA LYS B 452 13.23 -12.94 -14.12
C LYS B 452 13.23 -13.33 -12.63
N ASP B 453 14.39 -13.26 -11.97
CA ASP B 453 14.55 -13.58 -10.53
C ASP B 453 13.73 -12.60 -9.66
N SER B 454 13.58 -11.34 -10.10
CA SER B 454 12.88 -10.26 -9.35
C SER B 454 11.37 -10.54 -9.26
N ASP B 455 10.83 -11.45 -10.09
CA ASP B 455 9.38 -11.84 -10.10
C ASP B 455 9.06 -12.83 -8.97
N TYR B 456 10.06 -13.45 -8.34
CA TYR B 456 9.89 -14.60 -7.40
C TYR B 456 8.94 -14.22 -6.25
N THR B 457 7.93 -15.07 -6.03
CA THR B 457 6.88 -14.93 -4.98
C THR B 457 7.54 -14.58 -3.63
N ASN B 458 8.59 -15.30 -3.22
CA ASN B 458 9.17 -15.18 -1.86
C ASN B 458 9.93 -13.84 -1.70
N LYS B 459 10.50 -13.28 -2.78
CA LYS B 459 11.10 -11.92 -2.73
C LYS B 459 9.99 -10.88 -2.49
N LYS B 460 8.89 -10.98 -3.25
CA LYS B 460 7.71 -10.08 -3.15
C LYS B 460 7.11 -10.14 -1.73
N ILE B 461 7.02 -11.33 -1.12
CA ILE B 461 6.46 -11.51 0.24
C ILE B 461 7.26 -10.65 1.22
N ALA B 462 8.60 -10.74 1.17
CA ALA B 462 9.54 -10.01 2.06
C ALA B 462 9.40 -8.49 1.86
N GLN B 463 9.03 -8.04 0.66
CA GLN B 463 8.98 -6.61 0.26
C GLN B 463 7.64 -5.97 0.65
N ASN B 464 6.61 -6.76 1.00
CA ASN B 464 5.21 -6.26 1.15
C ASN B 464 4.65 -6.58 2.55
N VAL B 465 5.51 -6.86 3.54
CA VAL B 465 5.08 -7.28 4.91
C VAL B 465 4.12 -6.23 5.50
N GLN B 466 4.40 -4.94 5.35
CA GLN B 466 3.59 -3.84 5.97
C GLN B 466 2.18 -3.81 5.35
N LEU B 467 2.04 -4.16 4.07
CA LEU B 467 0.70 -4.26 3.42
C LEU B 467 -0.13 -5.35 4.12
N PHE B 468 0.46 -6.52 4.35
CA PHE B 468 -0.20 -7.66 5.03
C PHE B 468 -0.59 -7.21 6.44
N LYS B 469 0.31 -6.52 7.14
CA LYS B 469 0.03 -6.00 8.51
C LYS B 469 -1.17 -5.05 8.48
N SER B 470 -1.28 -4.17 7.50
CA SER B 470 -2.40 -3.19 7.36
C SER B 470 -3.73 -3.93 7.15
N TRP B 471 -3.68 -5.16 6.60
CA TRP B 471 -4.89 -6.01 6.36
C TRP B 471 -5.29 -6.77 7.63
N GLY B 472 -4.43 -6.76 8.65
CA GLY B 472 -4.65 -7.46 9.93
C GLY B 472 -4.18 -8.91 9.88
N VAL B 473 -3.33 -9.27 8.92
CA VAL B 473 -2.79 -10.65 8.80
C VAL B 473 -1.90 -10.92 10.03
N THR B 474 -2.27 -11.91 10.84
CA THR B 474 -1.49 -12.38 12.02
C THR B 474 -0.75 -13.68 11.68
N SER B 475 -1.25 -14.42 10.68
CA SER B 475 -0.66 -15.71 10.25
C SER B 475 -0.66 -15.79 8.71
N PHE B 476 0.53 -15.97 8.13
CA PHE B 476 0.76 -16.05 6.66
C PHE B 476 0.96 -17.52 6.28
N GLU B 477 0.01 -18.09 5.54
CA GLU B 477 0.09 -19.48 5.03
C GLU B 477 0.84 -19.47 3.71
N MET B 478 2.12 -19.87 3.73
CA MET B 478 2.97 -19.99 2.52
C MET B 478 2.60 -21.25 1.75
N ALA B 479 2.79 -21.22 0.44
CA ALA B 479 2.72 -22.39 -0.45
C ALA B 479 3.61 -23.49 0.10
N PRO B 480 3.35 -24.78 -0.20
CA PRO B 480 4.32 -25.84 0.10
C PRO B 480 5.61 -25.51 -0.67
N GLN B 481 6.76 -25.63 0.01
CA GLN B 481 8.07 -25.12 -0.47
C GLN B 481 8.94 -26.28 -1.00
N TYR B 482 8.39 -27.50 -1.08
CA TYR B 482 9.11 -28.72 -1.53
C TYR B 482 9.39 -28.58 -3.03
N VAL B 483 10.60 -28.92 -3.47
CA VAL B 483 10.97 -28.95 -4.92
C VAL B 483 10.00 -29.91 -5.64
N SER B 484 9.39 -29.44 -6.73
CA SER B 484 8.33 -30.16 -7.48
C SER B 484 8.94 -31.13 -8.49
N SER B 485 8.23 -32.24 -8.74
CA SER B 485 8.46 -33.14 -9.90
C SER B 485 7.84 -32.50 -11.16
N GLU B 486 8.17 -33.00 -12.36
CA GLU B 486 7.59 -32.54 -13.67
C GLU B 486 7.12 -33.76 -14.48
N ASP B 487 5.80 -33.98 -14.56
CA ASP B 487 5.15 -35.20 -15.16
C ASP B 487 3.90 -34.76 -15.95
N GLY B 488 2.72 -35.38 -15.73
CA GLY B 488 1.45 -35.04 -16.38
C GLY B 488 0.24 -35.08 -15.45
N SER B 489 0.45 -35.07 -14.13
CA SER B 489 -0.56 -34.82 -13.06
C SER B 489 -0.53 -33.32 -12.69
N PHE B 490 -1.68 -32.66 -12.79
CA PHE B 490 -1.95 -31.23 -12.50
C PHE B 490 -0.93 -30.55 -11.55
N LEU B 491 -0.70 -31.10 -10.35
CA LEU B 491 0.20 -30.49 -9.33
C LEU B 491 1.61 -30.34 -9.91
N ASP B 492 2.06 -31.25 -10.78
CA ASP B 492 3.42 -31.22 -11.38
C ASP B 492 3.44 -30.28 -12.60
N SER B 493 2.31 -30.11 -13.27
N SER B 493 2.30 -30.13 -13.27
CA SER B 493 2.24 -29.26 -14.48
CA SER B 493 2.24 -29.26 -14.48
C SER B 493 2.42 -27.79 -14.08
C SER B 493 2.42 -27.79 -14.08
N ILE B 494 1.85 -27.40 -12.95
CA ILE B 494 1.93 -25.99 -12.49
C ILE B 494 2.98 -25.88 -11.37
N ILE B 495 3.56 -27.01 -10.95
CA ILE B 495 4.67 -26.98 -9.96
C ILE B 495 4.28 -26.18 -8.71
N GLN B 496 3.05 -26.33 -8.23
CA GLN B 496 2.57 -25.64 -7.01
C GLN B 496 3.59 -25.92 -5.92
N ASN B 497 4.44 -26.91 -6.17
CA ASN B 497 5.60 -27.21 -5.29
C ASN B 497 5.09 -27.72 -3.96
N GLY B 498 5.79 -28.68 -3.37
CA GLY B 498 5.09 -29.57 -2.47
C GLY B 498 3.81 -29.95 -3.18
N TYR B 499 3.04 -30.86 -2.57
CA TYR B 499 1.84 -31.45 -3.24
C TYR B 499 2.38 -32.59 -4.12
N ALA B 500 3.16 -32.28 -5.16
CA ALA B 500 3.87 -33.29 -5.99
C ALA B 500 5.39 -33.14 -5.85
N PHE B 501 6.02 -33.96 -5.00
CA PHE B 501 7.47 -33.89 -4.67
C PHE B 501 8.06 -35.30 -4.56
N GLU B 502 9.37 -35.41 -4.78
CA GLU B 502 10.17 -36.67 -4.73
C GLU B 502 10.98 -36.73 -3.43
N ASP B 503 11.22 -35.58 -2.79
CA ASP B 503 12.03 -35.45 -1.55
C ASP B 503 11.31 -34.50 -0.58
N ARG B 504 10.80 -35.06 0.54
CA ARG B 504 10.02 -34.36 1.60
C ARG B 504 10.87 -33.28 2.29
N TYR B 505 12.19 -33.48 2.37
CA TYR B 505 13.09 -32.62 3.19
C TYR B 505 13.78 -31.55 2.33
N ASP B 506 13.47 -31.49 1.02
CA ASP B 506 14.10 -30.59 0.02
C ASP B 506 13.24 -29.34 -0.19
N LEU B 507 13.45 -28.30 0.62
CA LEU B 507 12.73 -26.99 0.55
C LEU B 507 13.62 -25.98 -0.19
N ALA B 508 13.52 -25.95 -1.52
CA ALA B 508 14.28 -25.05 -2.43
C ALA B 508 15.79 -25.20 -2.22
N MET B 509 16.26 -26.39 -1.83
CA MET B 509 17.69 -26.62 -1.43
C MET B 509 18.56 -27.19 -2.56
N SER B 510 18.15 -28.26 -3.24
CA SER B 510 18.87 -28.86 -4.39
C SER B 510 18.76 -27.93 -5.61
N LYS B 511 17.68 -27.14 -5.66
CA LYS B 511 17.43 -26.10 -6.70
C LYS B 511 16.27 -25.22 -6.24
N ASN B 512 16.03 -24.11 -6.94
CA ASN B 512 14.88 -23.20 -6.68
C ASN B 512 13.57 -23.99 -6.77
N ASN B 513 12.58 -23.64 -5.94
CA ASN B 513 11.17 -23.99 -6.18
C ASN B 513 10.57 -22.89 -7.06
N LYS B 514 9.30 -23.00 -7.42
CA LYS B 514 8.54 -21.99 -8.21
C LYS B 514 8.59 -20.60 -7.55
N TYR B 515 8.85 -20.53 -6.24
CA TYR B 515 8.66 -19.31 -5.40
C TYR B 515 10.01 -18.62 -5.12
N GLY B 516 11.14 -19.28 -5.43
CA GLY B 516 12.49 -18.69 -5.33
C GLY B 516 13.52 -19.66 -4.80
N SER B 517 14.63 -19.13 -4.31
CA SER B 517 15.79 -19.88 -3.77
C SER B 517 15.56 -20.21 -2.29
N GLN B 518 16.41 -21.06 -1.72
CA GLN B 518 16.43 -21.37 -0.27
C GLN B 518 16.50 -20.06 0.52
N GLN B 519 17.37 -19.14 0.08
CA GLN B 519 17.60 -17.82 0.76
C GLN B 519 16.33 -16.95 0.63
N ASP B 520 15.68 -16.93 -0.53
CA ASP B 520 14.40 -16.17 -0.74
C ASP B 520 13.37 -16.65 0.29
N MET B 521 13.22 -17.98 0.44
CA MET B 521 12.25 -18.61 1.38
C MET B 521 12.58 -18.18 2.81
N ILE B 522 13.83 -18.40 3.23
CA ILE B 522 14.34 -18.05 4.59
C ILE B 522 14.04 -16.56 4.86
N ASN B 523 14.35 -15.67 3.92
CA ASN B 523 14.24 -14.20 4.13
C ASN B 523 12.76 -13.78 4.22
N ALA B 524 11.86 -14.44 3.50
CA ALA B 524 10.40 -14.18 3.56
C ALA B 524 9.89 -14.48 4.99
N VAL B 525 10.32 -15.62 5.55
CA VAL B 525 9.92 -16.07 6.92
C VAL B 525 10.46 -15.08 7.95
N LYS B 526 11.73 -14.70 7.82
CA LYS B 526 12.40 -13.71 8.72
C LYS B 526 11.71 -12.34 8.63
N ALA B 527 11.38 -11.87 7.42
CA ALA B 527 10.72 -10.56 7.19
C ALA B 527 9.35 -10.54 7.88
N LEU B 528 8.55 -11.60 7.69
CA LEU B 528 7.21 -11.73 8.32
C LEU B 528 7.35 -11.70 9.85
N HIS B 529 8.31 -12.44 10.41
CA HIS B 529 8.56 -12.51 11.87
C HIS B 529 8.94 -11.12 12.42
N LYS B 530 9.72 -10.34 11.67
CA LYS B 530 10.23 -9.02 12.16
C LYS B 530 9.05 -8.06 12.41
N SER B 531 7.90 -8.27 11.75
CA SER B 531 6.67 -7.47 11.96
C SER B 531 5.63 -8.27 12.76
N GLY B 532 6.05 -9.36 13.41
CA GLY B 532 5.22 -10.16 14.35
C GLY B 532 4.14 -10.96 13.65
N ILE B 533 4.35 -11.35 12.39
CA ILE B 533 3.40 -12.22 11.63
C ILE B 533 3.94 -13.65 11.66
N GLN B 534 3.09 -14.61 12.08
CA GLN B 534 3.42 -16.06 12.07
C GLN B 534 3.44 -16.59 10.64
N VAL B 535 4.18 -17.67 10.41
CA VAL B 535 4.20 -18.45 9.13
C VAL B 535 3.69 -19.88 9.41
N ILE B 536 2.76 -20.36 8.59
CA ILE B 536 2.21 -21.75 8.66
C ILE B 536 2.92 -22.64 7.64
N ALA B 537 3.44 -23.79 8.10
CA ALA B 537 4.07 -24.86 7.27
C ALA B 537 2.98 -25.80 6.75
N ASP B 538 3.23 -26.47 5.62
CA ASP B 538 2.25 -27.34 4.92
C ASP B 538 2.64 -28.81 5.11
N TRP B 539 2.00 -29.49 6.06
CA TRP B 539 2.24 -30.91 6.41
C TRP B 539 1.31 -31.80 5.57
N VAL B 540 1.84 -32.43 4.53
CA VAL B 540 1.09 -33.28 3.56
C VAL B 540 1.72 -34.68 3.56
N PRO B 541 1.42 -35.51 4.59
CA PRO B 541 2.02 -36.84 4.69
C PRO B 541 1.35 -37.98 3.90
N ASP B 542 0.35 -37.68 3.05
CA ASP B 542 -0.44 -38.71 2.31
C ASP B 542 0.41 -39.39 1.23
N GLN B 543 1.20 -38.64 0.45
CA GLN B 543 1.80 -39.13 -0.82
C GLN B 543 3.27 -38.74 -0.97
N ILE B 544 3.97 -39.46 -1.84
CA ILE B 544 5.31 -39.07 -2.40
C ILE B 544 5.42 -39.64 -3.83
N TYR B 545 6.10 -38.90 -4.72
CA TYR B 545 6.25 -39.21 -6.16
C TYR B 545 7.60 -39.89 -6.42
N ASN B 546 7.72 -40.59 -7.56
CA ASN B 546 8.95 -41.34 -7.95
C ASN B 546 9.31 -41.03 -9.42
N LYS B 584 20.90 -40.17 -2.72
CA LYS B 584 21.57 -39.51 -1.57
C LYS B 584 20.93 -38.14 -1.36
N ASP B 585 19.60 -38.10 -1.18
CA ASP B 585 18.79 -36.86 -1.12
C ASP B 585 18.69 -36.41 0.35
N TYR B 586 17.75 -35.54 0.69
CA TYR B 586 17.61 -34.95 2.04
C TYR B 586 16.80 -35.88 2.95
N GLN B 587 15.92 -36.71 2.39
CA GLN B 587 15.26 -37.83 3.12
C GLN B 587 16.34 -38.71 3.75
N ALA B 588 17.42 -38.98 3.01
CA ALA B 588 18.59 -39.78 3.44
C ALA B 588 19.31 -39.10 4.61
N LYS B 589 19.51 -37.78 4.54
CA LYS B 589 20.29 -37.00 5.54
C LYS B 589 19.48 -36.84 6.85
N TYR B 590 18.17 -36.58 6.75
CA TYR B 590 17.32 -36.11 7.87
C TYR B 590 16.28 -37.16 8.29
N GLY B 591 16.06 -38.20 7.50
CA GLY B 591 15.11 -39.30 7.80
C GLY B 591 15.38 -39.96 9.14
N GLY B 592 14.45 -39.81 10.09
CA GLY B 592 14.52 -40.39 11.44
C GLY B 592 15.57 -39.73 12.33
N ALA B 593 16.22 -38.66 11.86
CA ALA B 593 17.42 -38.05 12.49
C ALA B 593 17.08 -37.48 13.88
N PHE B 594 15.83 -37.08 14.13
CA PHE B 594 15.42 -36.30 15.32
C PHE B 594 14.64 -37.17 16.32
N LEU B 595 14.40 -38.44 16.01
CA LEU B 595 13.52 -39.34 16.83
C LEU B 595 14.14 -39.60 18.21
N SER B 596 15.47 -39.77 18.29
CA SER B 596 16.21 -39.94 19.57
C SER B 596 15.94 -38.76 20.51
N GLU B 597 16.18 -37.54 20.03
CA GLU B 597 15.95 -36.26 20.76
C GLU B 597 14.47 -36.15 21.16
N LEU B 598 13.54 -36.41 20.22
CA LEU B 598 12.07 -36.26 20.45
C LEU B 598 11.60 -37.25 21.52
N ALA B 599 12.18 -38.46 21.57
CA ALA B 599 11.85 -39.53 22.55
C ALA B 599 12.31 -39.11 23.96
N ALA B 600 13.50 -38.53 24.06
CA ALA B 600 14.09 -38.03 25.33
C ALA B 600 13.22 -36.90 25.90
N LYS B 601 12.82 -35.94 25.06
CA LYS B 601 12.20 -34.65 25.50
C LYS B 601 10.67 -34.76 25.62
N TYR B 602 10.00 -35.45 24.70
CA TYR B 602 8.52 -35.46 24.57
C TYR B 602 8.00 -36.90 24.62
N PRO B 603 8.15 -37.60 25.77
CA PRO B 603 7.73 -39.00 25.88
C PRO B 603 6.23 -39.23 25.62
N SER B 604 5.38 -38.24 25.95
CA SER B 604 3.90 -38.26 25.78
C SER B 604 3.51 -38.70 24.35
N ILE B 605 4.26 -38.27 23.34
CA ILE B 605 4.00 -38.55 21.89
C ILE B 605 4.17 -40.06 21.66
N PHE B 606 5.19 -40.66 22.29
CA PHE B 606 5.65 -42.06 22.09
C PHE B 606 4.85 -43.02 22.98
N ASN B 607 4.16 -42.51 24.00
CA ASN B 607 3.42 -43.32 25.01
C ASN B 607 1.96 -43.54 24.57
N ARG B 608 1.44 -42.71 23.65
CA ARG B 608 0.04 -42.84 23.16
C ARG B 608 -0.07 -44.13 22.33
N THR B 609 -1.08 -44.94 22.61
CA THR B 609 -1.54 -46.08 21.76
C THR B 609 -2.47 -45.51 20.69
N GLN B 610 -2.08 -45.58 19.43
CA GLN B 610 -2.82 -44.93 18.32
C GLN B 610 -4.12 -45.71 18.08
N ILE B 611 -5.18 -44.99 17.71
CA ILE B 611 -6.59 -45.51 17.64
C ILE B 611 -6.70 -46.56 16.53
N SER B 612 -6.22 -46.27 15.31
CA SER B 612 -6.50 -47.07 14.09
C SER B 612 -5.79 -48.43 14.14
N ASN B 613 -4.53 -48.49 14.60
CA ASN B 613 -3.72 -49.73 14.58
C ASN B 613 -3.58 -50.32 16.00
N GLY B 614 -4.02 -49.59 17.04
CA GLY B 614 -3.94 -50.03 18.45
C GLY B 614 -2.50 -50.20 18.93
N LYS B 615 -1.55 -49.46 18.37
CA LYS B 615 -0.09 -49.58 18.67
C LYS B 615 0.52 -48.19 18.90
N LYS B 616 1.62 -48.14 19.67
CA LYS B 616 2.45 -46.93 19.85
C LYS B 616 3.32 -46.76 18.60
N ILE B 617 3.75 -45.53 18.30
CA ILE B 617 4.67 -45.24 17.16
C ILE B 617 6.00 -45.96 17.44
N ASP B 618 6.72 -46.35 16.39
CA ASP B 618 7.94 -47.21 16.47
C ASP B 618 9.12 -46.45 15.88
N PRO B 619 9.95 -45.78 16.73
CA PRO B 619 11.14 -45.07 16.26
C PRO B 619 12.43 -45.92 16.19
N SER B 620 12.32 -47.25 16.24
CA SER B 620 13.47 -48.20 16.24
C SER B 620 14.06 -48.31 14.83
N GLU B 621 13.27 -48.00 13.79
CA GLU B 621 13.70 -47.94 12.37
C GLU B 621 13.61 -46.49 11.88
N LYS B 622 14.69 -45.99 11.27
CA LYS B 622 14.74 -44.73 10.49
C LYS B 622 14.33 -45.03 9.05
N ILE B 623 13.50 -44.18 8.44
CA ILE B 623 13.17 -44.25 6.99
C ILE B 623 14.06 -43.25 6.26
N THR B 624 15.14 -43.75 5.62
CA THR B 624 16.14 -42.93 4.88
C THR B 624 15.86 -43.01 3.37
N ALA B 625 14.90 -43.85 2.96
CA ALA B 625 14.49 -44.05 1.55
C ALA B 625 13.12 -44.74 1.50
N TRP B 626 12.20 -44.22 0.68
CA TRP B 626 10.82 -44.75 0.50
C TRP B 626 10.84 -45.91 -0.51
N LYS B 627 10.32 -47.07 -0.10
CA LYS B 627 10.22 -48.30 -0.94
C LYS B 627 8.80 -48.86 -0.82
N ALA B 628 8.48 -49.90 -1.62
CA ALA B 628 7.14 -50.51 -1.74
C ALA B 628 6.60 -50.92 -0.36
N LYS B 629 7.49 -51.33 0.57
CA LYS B 629 7.12 -51.83 1.93
C LYS B 629 6.32 -50.77 2.71
N TYR B 630 6.53 -49.48 2.42
CA TYR B 630 5.94 -48.34 3.15
C TYR B 630 4.77 -47.71 2.37
N PHE B 631 4.30 -48.36 1.29
CA PHE B 631 3.23 -47.85 0.40
C PHE B 631 1.97 -48.73 0.51
N ASN B 632 0.79 -48.12 0.35
CA ASN B 632 -0.56 -48.71 0.51
C ASN B 632 -0.80 -49.06 1.98
#